data_1DBR
#
_entry.id   1DBR
#
_cell.length_a   65.150
_cell.length_b   109.220
_cell.length_c   79.740
_cell.angle_alpha   90.00
_cell.angle_beta   111.80
_cell.angle_gamma   90.00
#
_symmetry.space_group_name_H-M   'P 1 21 1'
#
loop_
_entity.id
_entity.type
_entity.pdbx_description
1 polymer 'HYPOXANTHINE GUANINE XANTHINE PHOSPHORIBOSYLTRANSFERASE'
2 non-polymer 'MAGNESIUM ION'
3 water water
#
_entity_poly.entity_id   1
_entity_poly.type   'polypeptide(L)'
_entity_poly.pdbx_seq_one_letter_code
;MASKPIEDYGKGKGRIEPMYIPDNTFYNADDFLVPPHCKPYIDKILLPGGLVKDRVEKLAYDIHRTYFGEELHIICILKG
SRGFFNLLIDYLATIQKYSGRESSVPPFFEHYVRLKSYQNDNSTGQLTVLSDDLSIFRDKHVLIVEDIVDTGFTLTEFGE
RLKAVGPKSMRIATLVEKRTDRSNSLKGDFVGFSIEDVWIVGCCYDFNEMFRDFDHVAVLSDAARKKFEKV
;
_entity_poly.pdbx_strand_id   A,B,C,D
#
# COMPACT_ATOMS: atom_id res chain seq x y z
N ALA A 2 30.50 -11.36 -34.16
CA ALA A 2 30.69 -10.20 -33.32
C ALA A 2 29.43 -9.46 -33.07
N SER A 3 29.32 -9.07 -31.83
CA SER A 3 28.16 -8.34 -31.42
C SER A 3 28.75 -6.95 -31.14
N LYS A 4 27.88 -5.97 -31.15
CA LYS A 4 28.37 -4.64 -30.91
C LYS A 4 28.93 -4.61 -29.47
N PRO A 5 29.97 -3.83 -29.19
CA PRO A 5 30.46 -3.80 -27.84
C PRO A 5 29.66 -2.87 -26.97
N ILE A 6 29.23 -3.41 -25.82
CA ILE A 6 28.48 -2.68 -24.81
C ILE A 6 29.52 -1.83 -24.06
N GLU A 7 29.50 -0.57 -24.46
CA GLU A 7 30.37 0.46 -23.99
C GLU A 7 30.95 0.55 -22.54
N ASP A 8 30.28 1.36 -21.73
CA ASP A 8 30.68 1.59 -20.37
C ASP A 8 29.85 0.57 -19.64
N TYR A 9 30.30 0.09 -18.50
CA TYR A 9 29.48 -0.86 -17.82
C TYR A 9 30.05 -0.91 -16.44
N GLY A 10 29.27 -0.45 -15.53
CA GLY A 10 29.67 -0.38 -14.17
C GLY A 10 30.62 0.77 -14.00
N LYS A 11 30.63 1.62 -15.03
CA LYS A 11 31.39 2.86 -14.99
C LYS A 11 30.46 3.69 -14.12
N GLY A 12 29.28 3.99 -14.65
CA GLY A 12 28.28 4.79 -13.93
C GLY A 12 28.06 6.01 -14.80
N LYS A 13 28.57 5.92 -16.04
CA LYS A 13 28.50 6.94 -17.05
C LYS A 13 27.23 7.74 -17.29
N GLY A 14 27.15 9.00 -16.84
CA GLY A 14 25.96 9.80 -17.10
C GLY A 14 24.75 9.59 -16.22
N ARG A 15 25.03 8.98 -15.08
CA ARG A 15 23.97 8.72 -14.16
C ARG A 15 23.71 9.97 -13.39
N ILE A 16 22.61 9.88 -12.64
CA ILE A 16 22.14 10.94 -11.75
C ILE A 16 22.55 10.40 -10.39
N GLU A 17 23.34 11.22 -9.68
CA GLU A 17 23.85 10.83 -8.37
C GLU A 17 22.69 10.62 -7.43
N PRO A 18 22.85 9.72 -6.48
CA PRO A 18 21.76 9.38 -5.54
C PRO A 18 21.68 10.25 -4.38
N MET A 19 20.65 10.03 -3.58
CA MET A 19 20.50 10.78 -2.36
C MET A 19 21.82 10.62 -1.60
N TYR A 20 22.37 11.73 -1.09
CA TYR A 20 23.63 11.63 -0.36
C TYR A 20 23.22 11.62 1.09
N ILE A 21 23.69 10.68 1.91
CA ILE A 21 23.33 10.66 3.35
C ILE A 21 24.57 10.98 4.16
N PRO A 22 24.61 12.17 4.76
CA PRO A 22 25.83 12.54 5.51
C PRO A 22 26.23 11.57 6.58
N ASP A 23 27.52 11.49 6.81
CA ASP A 23 28.08 10.61 7.83
C ASP A 23 27.35 10.80 9.18
N ASN A 24 27.38 9.79 10.06
CA ASN A 24 26.70 9.94 11.36
C ASN A 24 25.28 10.50 11.38
N THR A 25 24.53 10.22 10.32
CA THR A 25 23.17 10.67 10.24
C THR A 25 22.47 9.39 10.63
N PHE A 26 21.55 9.42 11.58
CA PHE A 26 20.82 8.22 12.07
C PHE A 26 19.47 8.56 12.76
N TYR A 27 18.46 7.70 12.70
CA TYR A 27 17.25 7.99 13.39
C TYR A 27 17.34 7.02 14.54
N ASN A 28 16.52 7.17 15.56
CA ASN A 28 16.62 6.27 16.69
C ASN A 28 15.48 5.27 16.65
N ALA A 29 15.84 3.98 16.75
CA ALA A 29 14.84 2.90 16.74
C ALA A 29 13.62 3.07 17.68
N ASP A 30 13.80 3.71 18.82
CA ASP A 30 12.70 3.86 19.79
C ASP A 30 11.58 4.63 19.22
N ASP A 31 11.91 5.42 18.17
CA ASP A 31 10.96 6.31 17.53
C ASP A 31 10.08 5.71 16.48
N PHE A 32 10.28 4.43 16.20
CA PHE A 32 9.46 3.77 15.15
C PHE A 32 8.94 2.51 15.81
N LEU A 33 8.03 1.78 15.19
CA LEU A 33 7.52 0.50 15.74
C LEU A 33 8.48 -0.71 15.40
N VAL A 34 9.23 -1.28 16.32
CA VAL A 34 10.05 -2.41 15.94
C VAL A 34 9.50 -3.70 16.46
N PRO A 35 9.40 -4.71 15.62
CA PRO A 35 8.82 -5.97 16.10
C PRO A 35 9.78 -6.66 17.08
N PRO A 36 9.18 -7.47 17.94
CA PRO A 36 9.88 -8.21 19.00
C PRO A 36 11.08 -9.04 18.68
N HIS A 37 11.07 -9.65 17.53
CA HIS A 37 12.23 -10.43 17.23
C HIS A 37 13.47 -9.50 16.97
N CYS A 38 13.29 -8.21 16.73
CA CYS A 38 14.46 -7.39 16.48
C CYS A 38 14.81 -6.41 17.57
N LYS A 39 13.77 -6.11 18.32
CA LYS A 39 13.84 -5.17 19.40
C LYS A 39 15.11 -5.06 20.21
N PRO A 40 15.51 -6.19 20.74
CA PRO A 40 16.73 -6.23 21.54
C PRO A 40 17.97 -5.88 20.72
N TYR A 41 17.96 -6.02 19.40
CA TYR A 41 19.16 -5.72 18.58
C TYR A 41 19.21 -4.45 17.73
N ILE A 42 18.11 -3.71 17.68
CA ILE A 42 18.16 -2.53 16.83
C ILE A 42 18.05 -1.24 17.60
N ASP A 43 19.11 -0.43 17.48
CA ASP A 43 19.21 0.88 18.13
C ASP A 43 19.21 2.01 17.09
N LYS A 44 20.16 1.97 16.17
CA LYS A 44 20.19 3.06 15.19
C LYS A 44 19.63 2.71 13.84
N ILE A 45 18.83 3.59 13.29
CA ILE A 45 18.26 3.33 11.98
C ILE A 45 18.92 4.14 10.92
N LEU A 46 19.37 3.52 9.84
CA LEU A 46 20.04 4.21 8.76
C LEU A 46 19.04 4.85 7.78
N LEU A 47 18.12 4.05 7.25
CA LEU A 47 17.15 4.58 6.30
C LEU A 47 15.87 3.94 6.65
N PRO A 48 14.91 4.78 7.01
CA PRO A 48 13.55 4.40 7.39
C PRO A 48 12.88 3.90 6.14
N GLY A 49 12.39 2.67 6.24
CA GLY A 49 11.75 1.99 5.11
C GLY A 49 10.79 2.83 4.22
N GLY A 50 10.14 3.82 4.79
CA GLY A 50 9.22 4.69 4.02
C GLY A 50 10.04 5.59 3.08
N LEU A 51 11.21 5.97 3.62
CA LEU A 51 12.22 6.84 2.97
C LEU A 51 12.75 6.18 1.70
N VAL A 52 12.98 4.87 1.81
CA VAL A 52 13.52 4.10 0.68
C VAL A 52 12.42 3.82 -0.37
N LYS A 53 11.15 3.89 0.04
CA LYS A 53 10.01 3.69 -0.91
C LYS A 53 9.90 4.90 -1.70
N ASP A 54 9.92 6.05 -0.98
CA ASP A 54 9.81 7.36 -1.64
C ASP A 54 10.93 7.47 -2.59
N ARG A 55 12.10 6.97 -2.18
CA ARG A 55 13.27 6.99 -3.01
C ARG A 55 13.18 6.01 -4.20
N VAL A 56 12.77 4.79 -3.98
CA VAL A 56 12.68 3.94 -5.15
C VAL A 56 11.54 4.40 -6.08
N GLU A 57 10.57 5.17 -5.56
CA GLU A 57 9.52 5.66 -6.45
C GLU A 57 10.18 6.47 -7.57
N LYS A 58 11.13 7.30 -7.19
CA LYS A 58 11.86 8.15 -8.11
C LYS A 58 12.81 7.42 -9.04
N LEU A 59 13.42 6.37 -8.54
CA LEU A 59 14.38 5.59 -9.36
C LEU A 59 13.59 5.01 -10.52
N ALA A 60 12.50 4.31 -10.17
CA ALA A 60 11.56 3.66 -11.10
C ALA A 60 11.09 4.65 -12.18
N TYR A 61 10.89 5.90 -11.76
CA TYR A 61 10.45 6.96 -12.65
C TYR A 61 11.58 7.18 -13.63
N ASP A 62 12.79 7.14 -13.09
CA ASP A 62 13.91 7.37 -13.97
C ASP A 62 14.00 6.19 -14.93
N ILE A 63 13.90 4.97 -14.35
CA ILE A 63 14.04 3.74 -15.18
C ILE A 63 12.99 3.79 -16.28
N HIS A 64 11.80 4.25 -15.97
CA HIS A 64 10.73 4.31 -16.94
C HIS A 64 11.02 5.24 -18.07
N ARG A 65 11.43 6.43 -17.71
CA ARG A 65 11.76 7.39 -18.73
C ARG A 65 12.81 6.85 -19.61
N THR A 66 13.82 6.17 -19.10
CA THR A 66 14.82 5.67 -20.05
C THR A 66 14.52 4.45 -20.96
N TYR A 67 13.67 3.49 -20.54
CA TYR A 67 13.35 2.29 -21.34
C TYR A 67 11.91 2.23 -21.79
N PHE A 68 11.09 3.23 -21.46
CA PHE A 68 9.68 3.21 -21.86
C PHE A 68 9.46 2.84 -23.35
N GLY A 69 8.46 2.05 -23.74
CA GLY A 69 8.31 1.82 -25.17
C GLY A 69 9.06 0.67 -25.79
N GLU A 70 10.06 0.20 -25.05
CA GLU A 70 10.88 -0.92 -25.48
C GLU A 70 10.89 -1.91 -24.36
N GLU A 71 11.14 -3.14 -24.71
CA GLU A 71 11.24 -4.27 -23.81
C GLU A 71 12.42 -3.92 -22.92
N LEU A 72 12.28 -4.20 -21.62
CA LEU A 72 13.24 -3.97 -20.51
C LEU A 72 13.21 -5.32 -19.76
N HIS A 73 14.36 -6.03 -19.68
CA HIS A 73 14.50 -7.29 -19.03
C HIS A 73 15.28 -7.16 -17.75
N ILE A 74 14.64 -7.23 -16.59
CA ILE A 74 15.38 -7.03 -15.32
C ILE A 74 15.78 -8.27 -14.62
N ILE A 75 17.02 -8.35 -14.18
CA ILE A 75 17.50 -9.53 -13.50
C ILE A 75 17.63 -9.27 -12.02
N CYS A 76 16.88 -10.08 -11.26
CA CYS A 76 16.87 -10.07 -9.77
C CYS A 76 17.89 -11.10 -9.23
N ILE A 77 18.96 -10.59 -8.60
CA ILE A 77 19.95 -11.50 -8.08
C ILE A 77 19.43 -12.03 -6.74
N LEU A 78 18.97 -13.28 -6.76
CA LEU A 78 18.40 -13.87 -5.62
C LEU A 78 19.07 -13.95 -4.33
N LYS A 79 18.15 -13.61 -3.40
CA LYS A 79 18.16 -13.45 -1.98
C LYS A 79 18.25 -11.94 -1.81
N GLY A 80 19.48 -11.45 -1.73
CA GLY A 80 19.67 -10.00 -1.54
C GLY A 80 18.79 -8.99 -2.28
N SER A 81 18.80 -8.99 -3.60
CA SER A 81 18.04 -8.03 -4.37
C SER A 81 16.55 -8.11 -4.34
N ARG A 82 16.05 -9.05 -3.53
CA ARG A 82 14.60 -9.23 -3.43
C ARG A 82 13.69 -8.07 -3.16
N GLY A 83 13.82 -7.43 -2.00
CA GLY A 83 12.94 -6.29 -1.66
C GLY A 83 13.00 -5.13 -2.66
N PHE A 84 14.23 -4.72 -2.93
CA PHE A 84 14.48 -3.63 -3.84
C PHE A 84 13.81 -3.96 -5.14
N PHE A 85 14.12 -5.14 -5.67
CA PHE A 85 13.49 -5.55 -6.96
C PHE A 85 11.96 -5.50 -6.90
N ASN A 86 11.46 -5.93 -5.77
CA ASN A 86 10.02 -5.97 -5.69
C ASN A 86 9.34 -4.69 -5.75
N LEU A 87 9.91 -3.80 -4.97
CA LEU A 87 9.44 -2.41 -4.87
C LEU A 87 9.47 -1.85 -6.29
N LEU A 88 10.57 -2.08 -6.97
CA LEU A 88 10.75 -1.58 -8.34
C LEU A 88 9.78 -2.05 -9.44
N ILE A 89 9.42 -3.32 -9.50
CA ILE A 89 8.52 -3.71 -10.59
C ILE A 89 7.09 -3.22 -10.34
N ASP A 90 6.75 -3.07 -9.07
CA ASP A 90 5.48 -2.59 -8.60
C ASP A 90 5.39 -1.15 -9.11
N TYR A 91 6.38 -0.33 -8.75
CA TYR A 91 6.31 1.06 -9.23
C TYR A 91 6.27 1.13 -10.72
N LEU A 92 7.13 0.32 -11.28
CA LEU A 92 7.32 0.27 -12.71
C LEU A 92 6.08 0.05 -13.45
N ALA A 93 5.37 -0.99 -13.08
CA ALA A 93 4.15 -1.27 -13.78
C ALA A 93 3.10 -0.29 -13.42
N THR A 94 3.24 0.36 -12.27
CA THR A 94 2.13 1.21 -11.93
C THR A 94 2.21 2.44 -12.70
N ILE A 95 3.42 2.93 -12.81
CA ILE A 95 3.66 4.17 -13.57
C ILE A 95 3.25 3.93 -14.99
N GLN A 96 3.67 2.77 -15.50
CA GLN A 96 3.34 2.41 -16.88
C GLN A 96 1.83 2.54 -17.02
N LYS A 97 1.10 1.93 -16.09
CA LYS A 97 -0.37 1.94 -16.07
C LYS A 97 -1.11 3.28 -16.00
N TYR A 98 -0.48 4.27 -15.37
CA TYR A 98 -1.10 5.60 -15.22
C TYR A 98 -0.61 6.58 -16.22
N SER A 99 0.49 6.27 -16.87
CA SER A 99 1.00 7.22 -17.85
C SER A 99 0.07 7.63 -18.95
N GLY A 100 -0.97 6.86 -19.22
CA GLY A 100 -1.91 7.19 -20.30
C GLY A 100 -1.18 7.57 -21.60
N ARG A 101 0.04 7.03 -21.65
CA ARG A 101 1.06 7.19 -22.70
C ARG A 101 1.48 5.82 -23.31
N GLU A 102 0.86 5.58 -24.45
CA GLU A 102 0.94 4.47 -25.37
C GLU A 102 2.14 3.56 -25.39
N SER A 103 1.89 2.27 -25.30
CA SER A 103 2.91 1.23 -25.36
C SER A 103 2.29 -0.14 -25.34
N SER A 104 2.80 -0.89 -26.28
CA SER A 104 2.43 -2.22 -26.60
C SER A 104 3.47 -3.15 -26.07
N VAL A 105 4.20 -2.72 -25.03
CA VAL A 105 5.16 -3.66 -24.52
C VAL A 105 4.98 -3.45 -23.05
N PRO A 106 5.16 -4.51 -22.28
CA PRO A 106 5.00 -4.47 -20.85
C PRO A 106 6.14 -3.79 -20.13
N PRO A 107 5.84 -3.44 -18.90
CA PRO A 107 6.80 -2.76 -18.06
C PRO A 107 8.19 -3.42 -17.94
N PHE A 108 8.24 -4.74 -17.83
CA PHE A 108 9.52 -5.39 -17.74
C PHE A 108 9.12 -6.88 -17.93
N PHE A 109 10.16 -7.73 -17.84
CA PHE A 109 10.16 -9.19 -17.91
C PHE A 109 11.14 -9.55 -16.88
N GLU A 110 10.66 -10.22 -15.86
CA GLU A 110 11.53 -10.61 -14.73
C GLU A 110 12.33 -11.86 -15.02
N HIS A 111 13.51 -11.84 -14.42
CA HIS A 111 14.50 -12.90 -14.49
C HIS A 111 15.19 -13.09 -13.15
N TYR A 112 15.47 -14.34 -12.82
CA TYR A 112 16.12 -14.57 -11.53
C TYR A 112 17.43 -15.39 -11.56
N VAL A 113 18.43 -15.03 -10.74
CA VAL A 113 19.72 -15.76 -10.70
C VAL A 113 20.18 -15.83 -9.28
N ARG A 114 21.26 -16.55 -9.00
CA ARG A 114 21.69 -16.64 -7.62
C ARG A 114 23.19 -16.50 -7.41
N LEU A 115 23.58 -16.44 -6.13
CA LEU A 115 24.94 -16.25 -5.64
C LEU A 115 25.41 -14.90 -5.01
N GLN A 119 33.08 -13.09 0.65
CA GLN A 119 34.02 -14.09 1.26
C GLN A 119 33.83 -14.68 2.68
N ASN A 120 34.24 -13.84 3.66
CA ASN A 120 33.91 -13.81 5.40
C ASN A 120 35.17 -14.60 5.93
N ASP A 121 35.30 -14.49 7.18
CA ASP A 121 36.33 -15.03 8.12
C ASP A 121 37.31 -16.18 7.71
N ASN A 122 37.35 -16.68 6.52
CA ASN A 122 38.27 -17.82 6.26
C ASN A 122 38.30 -18.18 4.77
N SER A 123 37.17 -17.86 4.12
CA SER A 123 36.94 -18.15 2.71
C SER A 123 37.40 -17.26 1.55
N THR A 124 36.47 -17.14 0.59
CA THR A 124 36.66 -16.38 -0.65
C THR A 124 35.46 -15.69 -1.28
N GLY A 125 35.74 -14.54 -1.87
CA GLY A 125 34.72 -13.74 -2.53
C GLY A 125 34.72 -14.27 -3.94
N GLN A 126 33.94 -15.32 -4.13
CA GLN A 126 33.83 -15.94 -5.43
C GLN A 126 32.39 -16.31 -5.53
N LEU A 127 31.56 -15.40 -5.04
CA LEU A 127 30.14 -15.65 -5.13
C LEU A 127 29.98 -15.59 -6.64
N THR A 128 29.80 -16.74 -7.26
CA THR A 128 29.62 -16.74 -8.68
C THR A 128 28.16 -16.85 -9.01
N VAL A 129 27.70 -15.80 -9.68
CA VAL A 129 26.34 -15.67 -10.12
C VAL A 129 25.93 -16.81 -11.02
N LEU A 130 24.90 -17.52 -10.62
CA LEU A 130 24.50 -18.59 -11.50
C LEU A 130 23.11 -18.37 -12.07
N SER A 131 23.08 -18.76 -13.40
CA SER A 131 21.87 -18.63 -14.26
C SER A 131 21.84 -19.64 -15.45
N ASP A 132 20.63 -19.64 -16.06
CA ASP A 132 20.21 -20.48 -17.21
C ASP A 132 20.84 -20.02 -18.54
N ASP A 133 20.07 -20.22 -19.62
CA ASP A 133 20.53 -19.83 -20.97
C ASP A 133 20.40 -18.35 -21.16
N LEU A 134 21.54 -17.77 -21.07
CA LEU A 134 21.74 -16.37 -21.19
C LEU A 134 21.33 -15.86 -22.58
N SER A 135 21.37 -16.77 -23.53
CA SER A 135 21.07 -16.49 -24.96
C SER A 135 19.75 -15.74 -25.17
N ILE A 136 18.93 -15.73 -24.15
CA ILE A 136 17.63 -15.06 -24.19
C ILE A 136 17.79 -13.53 -24.05
N PHE A 137 19.00 -13.05 -23.75
CA PHE A 137 19.24 -11.60 -23.61
C PHE A 137 19.85 -10.95 -24.83
N ARG A 138 19.89 -11.67 -25.90
CA ARG A 138 20.43 -11.13 -27.13
C ARG A 138 19.53 -10.03 -27.67
N ASP A 139 20.21 -8.93 -27.88
CA ASP A 139 19.65 -7.72 -28.39
C ASP A 139 18.61 -7.17 -27.45
N LYS A 140 18.78 -7.47 -26.20
CA LYS A 140 17.86 -7.00 -25.19
C LYS A 140 18.52 -6.01 -24.27
N HIS A 141 17.73 -5.12 -23.80
CA HIS A 141 18.14 -4.13 -22.83
C HIS A 141 18.21 -4.86 -21.52
N VAL A 142 19.32 -5.08 -20.90
CA VAL A 142 19.12 -5.77 -19.62
C VAL A 142 19.41 -4.85 -18.42
N LEU A 143 18.69 -5.00 -17.31
CA LEU A 143 18.91 -4.21 -16.12
C LEU A 143 19.13 -5.16 -14.98
N ILE A 144 20.33 -5.13 -14.39
CA ILE A 144 20.74 -5.98 -13.25
C ILE A 144 20.57 -5.25 -11.90
N VAL A 145 19.67 -5.76 -11.11
CA VAL A 145 19.39 -5.18 -9.86
C VAL A 145 20.05 -5.95 -8.72
N GLU A 146 20.82 -5.14 -7.98
CA GLU A 146 21.58 -5.55 -6.79
C GLU A 146 21.09 -4.72 -5.60
N ASP A 147 21.27 -5.27 -4.42
CA ASP A 147 20.89 -4.58 -3.18
C ASP A 147 22.06 -3.64 -2.81
N ILE A 148 23.23 -3.92 -3.34
CA ILE A 148 24.45 -3.16 -3.16
C ILE A 148 25.61 -3.84 -3.92
N VAL A 149 26.53 -3.09 -4.49
CA VAL A 149 27.62 -3.77 -5.18
C VAL A 149 28.86 -3.65 -4.28
N ASP A 150 29.34 -4.82 -3.82
CA ASP A 150 30.44 -4.85 -2.84
C ASP A 150 31.82 -5.34 -3.31
N THR A 151 31.90 -5.92 -4.45
CA THR A 151 33.19 -6.42 -4.92
C THR A 151 33.33 -6.26 -6.41
N GLY A 152 32.19 -6.14 -7.03
CA GLY A 152 32.13 -5.98 -8.47
C GLY A 152 32.70 -7.20 -9.17
N PHE A 153 33.25 -8.12 -8.37
CA PHE A 153 33.82 -9.34 -8.95
C PHE A 153 32.71 -10.07 -9.69
N THR A 154 31.75 -10.53 -8.93
CA THR A 154 30.63 -11.29 -9.48
C THR A 154 29.93 -10.55 -10.64
N LEU A 155 29.82 -9.21 -10.56
CA LEU A 155 29.10 -8.48 -11.65
C LEU A 155 30.01 -8.30 -12.88
N THR A 156 31.29 -8.13 -12.63
CA THR A 156 32.29 -8.07 -13.71
C THR A 156 32.23 -9.47 -14.32
N GLU A 157 32.33 -10.51 -13.50
CA GLU A 157 32.26 -11.86 -14.11
C GLU A 157 30.98 -12.09 -14.96
N PHE A 158 29.83 -11.82 -14.37
CA PHE A 158 28.57 -12.04 -15.07
C PHE A 158 28.53 -11.14 -16.26
N GLY A 159 29.09 -9.97 -16.04
CA GLY A 159 29.11 -8.94 -17.07
C GLY A 159 29.70 -9.46 -18.31
N GLU A 160 30.83 -10.12 -18.13
CA GLU A 160 31.55 -10.63 -19.27
C GLU A 160 30.62 -11.61 -19.89
N ARG A 161 30.23 -12.56 -19.07
CA ARG A 161 29.32 -13.58 -19.56
C ARG A 161 28.10 -13.13 -20.32
N LEU A 162 27.58 -11.95 -20.02
CA LEU A 162 26.40 -11.45 -20.71
C LEU A 162 26.83 -10.70 -22.01
N LYS A 163 27.92 -9.96 -21.94
CA LYS A 163 28.39 -9.25 -23.14
C LYS A 163 28.60 -10.23 -24.32
N ALA A 164 28.92 -11.48 -24.01
CA ALA A 164 29.10 -12.37 -25.13
C ALA A 164 27.87 -12.59 -25.95
N VAL A 165 26.70 -12.37 -25.38
CA VAL A 165 25.45 -12.60 -26.08
C VAL A 165 24.93 -11.41 -26.79
N GLY A 166 25.62 -10.32 -26.64
CA GLY A 166 25.17 -9.14 -27.35
C GLY A 166 23.77 -8.70 -26.92
N PRO A 167 23.64 -8.19 -25.71
CA PRO A 167 22.34 -7.69 -25.22
C PRO A 167 22.30 -6.28 -25.82
N LYS A 168 21.18 -5.62 -25.99
CA LYS A 168 21.26 -4.27 -26.57
C LYS A 168 21.93 -3.17 -25.68
N SER A 169 21.76 -3.21 -24.36
CA SER A 169 22.36 -2.22 -23.47
C SER A 169 22.33 -2.99 -22.18
N MET A 170 23.34 -2.74 -21.37
CA MET A 170 23.38 -3.45 -20.12
C MET A 170 23.93 -2.57 -18.95
N ARG A 171 22.88 -2.18 -18.12
CA ARG A 171 22.98 -1.27 -16.92
C ARG A 171 22.75 -1.99 -15.56
N ILE A 172 23.11 -1.27 -14.46
CA ILE A 172 22.89 -1.82 -13.10
C ILE A 172 22.35 -0.75 -12.13
N ALA A 173 21.35 -1.22 -11.42
CA ALA A 173 20.62 -0.47 -10.41
C ALA A 173 20.93 -1.09 -9.06
N THR A 174 21.31 -0.25 -8.12
CA THR A 174 21.61 -0.74 -6.75
C THR A 174 21.01 0.23 -5.72
N LEU A 175 20.50 -0.34 -4.64
CA LEU A 175 19.83 0.46 -3.61
C LEU A 175 20.73 1.44 -2.86
N VAL A 176 21.96 1.04 -2.61
CA VAL A 176 22.92 1.89 -1.87
C VAL A 176 24.37 1.63 -2.30
N GLU A 177 25.12 2.68 -2.19
CA GLU A 177 26.54 2.72 -2.51
C GLU A 177 27.23 3.19 -1.26
N LYS A 178 28.21 2.48 -0.83
CA LYS A 178 28.91 2.90 0.36
C LYS A 178 30.16 3.69 -0.02
N ARG A 179 30.28 4.81 0.66
CA ARG A 179 31.45 5.68 0.52
C ARG A 179 32.56 4.98 1.29
N THR A 180 33.50 4.42 0.57
CA THR A 180 34.61 3.69 1.19
C THR A 180 35.80 3.71 0.27
N ASP A 181 36.90 3.32 0.85
CA ASP A 181 38.18 3.27 0.15
C ASP A 181 38.14 2.31 -1.02
N ARG A 182 38.43 2.86 -2.18
CA ARG A 182 38.49 2.11 -3.41
C ARG A 182 38.32 3.00 -4.64
N SER A 183 38.77 2.40 -5.67
CA SER A 183 38.78 2.82 -7.06
C SER A 183 38.87 1.46 -7.73
N ASN A 184 38.67 1.37 -9.00
CA ASN A 184 38.66 0.04 -9.64
C ASN A 184 37.46 -0.68 -8.98
N SER A 185 36.27 -0.18 -9.35
CA SER A 185 35.00 -0.73 -8.87
C SER A 185 33.83 -0.41 -9.78
N LEU A 186 32.78 -1.22 -9.67
CA LEU A 186 31.60 -1.04 -10.48
C LEU A 186 30.75 0.01 -9.79
N LYS A 187 30.09 0.84 -10.59
CA LYS A 187 29.27 1.88 -10.01
C LYS A 187 28.03 1.60 -10.71
N GLY A 188 26.91 1.71 -10.02
CA GLY A 188 25.61 1.41 -10.64
C GLY A 188 25.11 2.62 -11.48
N ASP A 189 24.15 2.38 -12.36
CA ASP A 189 23.60 3.43 -13.14
C ASP A 189 22.43 4.19 -12.50
N PHE A 190 21.67 3.44 -11.81
CA PHE A 190 20.51 3.90 -11.08
C PHE A 190 20.73 3.47 -9.65
N VAL A 191 21.00 4.43 -8.80
CA VAL A 191 21.25 4.11 -7.40
C VAL A 191 20.54 5.15 -6.49
N GLY A 192 19.98 4.63 -5.39
CA GLY A 192 19.15 5.42 -4.43
C GLY A 192 19.89 6.31 -3.42
N PHE A 193 20.71 5.71 -2.57
CA PHE A 193 21.42 6.47 -1.54
C PHE A 193 22.91 6.23 -1.52
N SER A 194 23.59 7.27 -1.13
CA SER A 194 25.04 7.25 -0.93
C SER A 194 25.18 7.23 0.57
N ILE A 195 25.82 6.21 1.10
CA ILE A 195 25.93 6.16 2.55
C ILE A 195 27.36 5.91 2.98
N GLU A 196 27.65 6.16 4.27
CA GLU A 196 29.00 5.94 4.71
C GLU A 196 29.19 4.46 4.92
N ASP A 197 30.46 4.05 4.98
CA ASP A 197 30.81 2.66 5.22
C ASP A 197 30.45 2.12 6.63
N VAL A 198 29.23 1.68 6.86
CA VAL A 198 28.76 1.12 8.10
C VAL A 198 28.09 -0.25 7.76
N TRP A 199 28.08 -1.20 8.69
CA TRP A 199 27.48 -2.52 8.46
C TRP A 199 25.98 -2.53 8.52
N ILE A 200 25.28 -2.61 7.39
CA ILE A 200 23.81 -2.57 7.50
C ILE A 200 23.07 -3.90 7.59
N VAL A 201 21.80 -3.82 7.95
CA VAL A 201 20.89 -4.95 8.11
C VAL A 201 19.47 -4.45 8.11
N GLY A 202 18.63 -5.28 7.55
CA GLY A 202 17.22 -4.97 7.47
C GLY A 202 16.82 -4.53 6.06
N CYS A 203 15.50 -4.59 5.93
CA CYS A 203 14.80 -4.28 4.73
C CYS A 203 15.54 -5.06 3.61
N CYS A 204 15.66 -6.36 3.86
CA CYS A 204 16.27 -7.35 2.94
C CYS A 204 17.85 -7.34 3.02
N TYR A 205 18.41 -6.53 3.91
CA TYR A 205 19.86 -6.57 4.21
C TYR A 205 19.92 -7.66 5.31
N ASP A 206 20.92 -8.54 5.31
CA ASP A 206 20.93 -9.57 6.34
C ASP A 206 22.23 -9.76 7.06
N PHE A 207 22.12 -10.37 8.23
CA PHE A 207 23.27 -10.71 9.07
C PHE A 207 23.06 -12.17 9.35
N ASN A 208 23.75 -12.97 8.52
CA ASN A 208 23.71 -14.43 8.57
C ASN A 208 22.29 -14.83 8.50
N GLU A 209 21.61 -14.46 7.41
CA GLU A 209 20.20 -14.76 7.22
C GLU A 209 19.29 -14.14 8.28
N MET A 210 19.64 -12.99 8.85
CA MET A 210 18.77 -12.38 9.86
C MET A 210 18.41 -10.98 9.48
N PHE A 211 17.32 -10.49 10.01
CA PHE A 211 16.97 -9.12 9.72
C PHE A 211 16.33 -8.73 8.42
N ARG A 212 16.42 -9.57 7.39
CA ARG A 212 15.81 -9.34 6.05
C ARG A 212 14.41 -8.72 6.16
N ASP A 213 13.52 -9.38 6.88
CA ASP A 213 12.17 -8.88 7.13
C ASP A 213 12.05 -7.61 8.03
N PHE A 214 13.16 -6.98 8.49
CA PHE A 214 13.00 -5.75 9.32
C PHE A 214 12.72 -4.66 8.31
N ASP A 215 11.82 -3.77 8.63
CA ASP A 215 11.45 -2.81 7.60
C ASP A 215 12.32 -1.59 7.40
N HIS A 216 13.45 -1.49 8.06
CA HIS A 216 14.25 -0.29 7.87
C HIS A 216 15.63 -0.81 7.73
N VAL A 217 16.49 0.00 7.15
CA VAL A 217 17.87 -0.35 6.97
C VAL A 217 18.51 0.26 8.21
N ALA A 218 19.06 -0.62 9.01
CA ALA A 218 19.69 -0.24 10.24
C ALA A 218 21.18 -0.56 10.26
N VAL A 219 21.78 -0.12 11.36
CA VAL A 219 23.18 -0.37 11.55
C VAL A 219 23.24 -1.68 12.38
N LEU A 220 24.22 -2.54 12.09
CA LEU A 220 24.41 -3.79 12.83
C LEU A 220 25.02 -3.45 14.24
N SER A 221 24.30 -3.74 15.34
CA SER A 221 24.80 -3.48 16.69
C SER A 221 25.72 -4.61 17.24
N ASP A 222 26.48 -4.31 18.31
CA ASP A 222 27.34 -5.35 18.87
C ASP A 222 26.53 -6.46 19.48
N ALA A 223 25.34 -6.12 19.97
CA ALA A 223 24.54 -7.19 20.50
C ALA A 223 24.06 -8.13 19.28
N ALA A 224 23.59 -7.55 18.18
CA ALA A 224 23.19 -8.38 17.02
C ALA A 224 24.37 -9.25 16.61
N ARG A 225 25.53 -8.66 16.37
CA ARG A 225 26.72 -9.43 15.99
C ARG A 225 26.97 -10.60 16.94
N LYS A 226 26.79 -10.33 18.21
CA LYS A 226 27.02 -11.33 19.25
C LYS A 226 25.98 -12.40 19.19
N LYS A 227 24.76 -12.03 19.54
CA LYS A 227 23.63 -12.94 19.54
C LYS A 227 23.55 -13.84 18.29
N PHE A 228 23.95 -13.31 17.13
CA PHE A 228 23.90 -14.03 15.85
C PHE A 228 25.15 -14.38 15.07
N GLU A 229 26.30 -14.52 15.67
CA GLU A 229 27.40 -14.89 14.81
C GLU A 229 27.97 -16.27 15.26
N LYS A 230 28.03 -17.08 14.21
CA LYS A 230 28.52 -18.50 14.11
C LYS A 230 28.33 -19.51 15.33
N VAL A 231 27.61 -19.20 16.45
CA VAL A 231 27.50 -20.27 17.58
C VAL A 231 26.13 -21.04 17.57
N ALA B 2 3.88 -37.78 16.98
CA ALA B 2 4.05 -36.52 16.27
C ALA B 2 2.71 -36.05 15.70
N SER B 3 1.77 -35.68 16.57
CA SER B 3 0.40 -35.21 16.20
C SER B 3 0.21 -34.02 15.17
N LYS B 4 -0.77 -34.46 14.21
CA LYS B 4 -1.28 -33.79 12.90
C LYS B 4 -0.03 -34.00 12.03
N PRO B 5 0.02 -35.18 11.36
CA PRO B 5 1.24 -35.72 10.70
C PRO B 5 1.99 -34.97 9.66
N ILE B 6 2.83 -35.86 9.09
CA ILE B 6 3.79 -35.59 8.04
C ILE B 6 3.61 -36.57 6.84
N GLU B 7 2.66 -37.51 6.96
CA GLU B 7 2.39 -38.50 5.87
C GLU B 7 1.13 -38.09 5.09
N ASP B 8 0.54 -37.01 5.56
CA ASP B 8 -0.69 -36.45 4.98
C ASP B 8 -0.38 -35.41 3.87
N TYR B 9 0.89 -35.13 3.67
CA TYR B 9 1.37 -34.15 2.64
C TYR B 9 0.72 -34.45 1.26
N GLY B 10 0.14 -33.38 0.71
CA GLY B 10 -0.56 -33.42 -0.60
C GLY B 10 -2.01 -33.83 -0.34
N LYS B 11 -2.37 -34.04 0.92
CA LYS B 11 -3.76 -34.48 1.14
C LYS B 11 -4.71 -33.37 1.43
N GLY B 12 -4.18 -32.34 2.06
CA GLY B 12 -5.05 -31.21 2.37
C GLY B 12 -6.10 -31.70 3.32
N LYS B 13 -5.64 -32.41 4.33
CA LYS B 13 -6.44 -32.98 5.41
C LYS B 13 -6.69 -31.99 6.59
N GLY B 14 -7.97 -31.74 6.88
CA GLY B 14 -8.31 -30.83 7.94
C GLY B 14 -8.02 -29.38 7.53
N ARG B 15 -8.14 -29.12 6.25
CA ARG B 15 -7.86 -27.79 5.76
C ARG B 15 -9.15 -27.03 5.96
N ILE B 16 -9.14 -25.81 5.45
CA ILE B 16 -10.25 -24.92 5.52
C ILE B 16 -10.49 -24.77 4.05
N GLU B 17 -11.62 -25.27 3.59
CA GLU B 17 -11.93 -25.17 2.17
C GLU B 17 -11.73 -23.74 1.63
N PRO B 18 -11.14 -23.60 0.44
CA PRO B 18 -10.96 -22.28 -0.21
C PRO B 18 -12.25 -21.48 -0.57
N MET B 19 -12.05 -20.24 -0.99
CA MET B 19 -13.17 -19.41 -1.38
C MET B 19 -13.70 -20.08 -2.63
N TYR B 20 -15.02 -20.30 -2.71
CA TYR B 20 -15.67 -20.96 -3.85
C TYR B 20 -16.20 -20.05 -4.93
N ILE B 21 -15.65 -20.16 -6.12
CA ILE B 21 -16.06 -19.31 -7.21
C ILE B 21 -16.86 -20.04 -8.24
N PRO B 22 -18.19 -19.96 -8.13
CA PRO B 22 -19.11 -20.62 -9.04
C PRO B 22 -18.71 -20.52 -10.47
N ASP B 23 -19.15 -21.50 -11.29
CA ASP B 23 -18.84 -21.57 -12.73
C ASP B 23 -19.49 -20.41 -13.49
N ASN B 24 -18.81 -19.95 -14.53
CA ASN B 24 -19.27 -18.85 -15.35
C ASN B 24 -19.46 -17.53 -14.64
N THR B 25 -18.57 -17.27 -13.73
CA THR B 25 -18.61 -16.03 -12.98
C THR B 25 -17.38 -15.20 -13.34
N PHE B 26 -17.64 -14.10 -14.03
CA PHE B 26 -16.57 -13.20 -14.49
C PHE B 26 -17.00 -11.73 -14.39
N TYR B 27 -16.00 -10.88 -14.37
CA TYR B 27 -16.20 -9.42 -14.37
C TYR B 27 -15.72 -8.96 -15.74
N ASN B 28 -16.23 -7.79 -16.17
CA ASN B 28 -15.89 -7.22 -17.45
C ASN B 28 -14.65 -6.46 -17.21
N ALA B 29 -13.75 -6.59 -18.16
CA ALA B 29 -12.43 -5.98 -18.15
C ALA B 29 -12.69 -4.50 -18.16
N ASP B 30 -13.61 -4.11 -19.03
CA ASP B 30 -14.11 -2.73 -19.21
C ASP B 30 -14.20 -1.87 -17.95
N ASP B 31 -14.71 -2.50 -16.90
CA ASP B 31 -14.94 -1.89 -15.62
C ASP B 31 -13.62 -1.77 -14.90
N PHE B 32 -12.47 -2.02 -15.53
CA PHE B 32 -11.20 -1.90 -14.85
C PHE B 32 -10.29 -1.08 -15.66
N LEU B 33 -9.17 -0.74 -15.06
CA LEU B 33 -8.21 0.05 -15.77
C LEU B 33 -7.21 -0.99 -16.26
N VAL B 34 -7.22 -1.24 -17.55
CA VAL B 34 -6.31 -2.22 -18.07
C VAL B 34 -5.24 -1.43 -18.82
N PRO B 35 -4.01 -1.83 -18.60
CA PRO B 35 -2.81 -1.22 -19.18
C PRO B 35 -2.93 -1.28 -20.69
N PRO B 36 -2.30 -0.39 -21.42
CA PRO B 36 -2.42 -0.39 -22.88
C PRO B 36 -1.98 -1.70 -23.55
N HIS B 37 -0.80 -2.17 -23.20
CA HIS B 37 -0.29 -3.41 -23.75
C HIS B 37 -1.17 -4.64 -23.48
N CYS B 38 -2.18 -4.62 -22.61
CA CYS B 38 -2.94 -5.85 -22.41
C CYS B 38 -4.34 -5.60 -22.84
N LYS B 39 -4.61 -4.33 -23.11
CA LYS B 39 -5.95 -3.87 -23.50
C LYS B 39 -6.79 -4.65 -24.53
N PRO B 40 -6.17 -5.08 -25.61
CA PRO B 40 -6.92 -5.80 -26.62
C PRO B 40 -7.00 -7.23 -26.29
N TYR B 41 -6.20 -7.73 -25.36
CA TYR B 41 -6.26 -9.18 -25.04
C TYR B 41 -7.08 -9.62 -23.90
N ILE B 42 -7.46 -8.69 -23.05
CA ILE B 42 -8.26 -9.08 -21.90
C ILE B 42 -9.67 -8.61 -21.99
N ASP B 43 -10.59 -9.54 -22.21
CA ASP B 43 -12.03 -9.27 -22.35
C ASP B 43 -12.74 -9.61 -21.03
N LYS B 44 -12.28 -10.63 -20.32
CA LYS B 44 -12.91 -10.96 -19.04
C LYS B 44 -12.07 -11.25 -17.79
N ILE B 45 -12.58 -10.79 -16.66
CA ILE B 45 -11.86 -10.96 -15.39
C ILE B 45 -12.43 -11.97 -14.44
N LEU B 46 -11.56 -12.87 -13.95
CA LEU B 46 -11.87 -13.97 -13.02
C LEU B 46 -11.75 -13.49 -11.61
N LEU B 47 -10.53 -13.08 -11.27
CA LEU B 47 -10.30 -12.54 -9.94
C LEU B 47 -9.56 -11.24 -9.98
N PRO B 48 -10.30 -10.18 -9.68
CA PRO B 48 -9.80 -8.78 -9.58
C PRO B 48 -8.63 -8.80 -8.58
N GLY B 49 -7.50 -8.25 -8.99
CA GLY B 49 -6.33 -8.23 -8.12
C GLY B 49 -6.63 -7.88 -6.64
N GLY B 50 -7.71 -7.11 -6.46
CA GLY B 50 -8.12 -6.64 -5.13
C GLY B 50 -8.68 -7.77 -4.32
N LEU B 51 -9.57 -8.50 -4.99
CA LEU B 51 -10.18 -9.61 -4.31
C LEU B 51 -9.02 -10.54 -3.88
N VAL B 52 -8.00 -10.63 -4.74
CA VAL B 52 -6.85 -11.46 -4.42
C VAL B 52 -6.14 -11.06 -3.12
N LYS B 53 -5.81 -9.77 -2.97
CA LYS B 53 -5.15 -9.26 -1.71
C LYS B 53 -6.01 -9.57 -0.54
N ASP B 54 -7.32 -9.25 -0.64
CA ASP B 54 -8.27 -9.60 0.42
C ASP B 54 -8.24 -11.11 0.75
N ARG B 55 -8.15 -11.98 -0.25
CA ARG B 55 -8.12 -13.43 0.14
C ARG B 55 -6.77 -13.73 0.82
N VAL B 56 -5.71 -13.22 0.22
CA VAL B 56 -4.44 -13.50 0.78
C VAL B 56 -4.27 -12.99 2.18
N GLU B 57 -4.92 -11.85 2.50
CA GLU B 57 -4.84 -11.36 3.87
C GLU B 57 -5.33 -12.47 4.81
N LYS B 58 -6.45 -13.10 4.46
CA LYS B 58 -7.02 -14.16 5.32
C LYS B 58 -6.15 -15.43 5.31
N LEU B 59 -5.40 -15.66 4.23
CA LEU B 59 -4.50 -16.83 4.20
C LEU B 59 -3.33 -16.55 5.15
N ALA B 60 -2.82 -15.32 5.08
CA ALA B 60 -1.67 -14.89 5.91
C ALA B 60 -2.00 -15.07 7.41
N TYR B 61 -3.18 -14.64 7.83
CA TYR B 61 -3.59 -14.77 9.25
C TYR B 61 -3.60 -16.25 9.62
N ASP B 62 -4.25 -16.99 8.76
CA ASP B 62 -4.39 -18.43 8.90
C ASP B 62 -3.04 -19.07 9.05
N ILE B 63 -2.10 -18.66 8.14
CA ILE B 63 -0.83 -19.30 8.21
C ILE B 63 -0.13 -18.92 9.55
N HIS B 64 -0.43 -17.72 10.04
CA HIS B 64 0.15 -17.13 11.26
C HIS B 64 -0.29 -17.79 12.51
N ARG B 65 -1.55 -17.96 12.62
CA ARG B 65 -2.08 -18.60 13.76
C ARG B 65 -1.46 -20.01 13.88
N THR B 66 -1.45 -20.77 12.77
CA THR B 66 -0.95 -22.17 12.85
C THR B 66 0.60 -22.28 12.96
N TYR B 67 1.34 -21.18 12.96
CA TYR B 67 2.82 -21.30 13.14
C TYR B 67 3.36 -20.36 14.10
N PHE B 68 2.53 -19.64 14.81
CA PHE B 68 3.08 -18.65 15.73
C PHE B 68 4.11 -19.19 16.70
N GLY B 69 5.14 -18.39 16.90
CA GLY B 69 6.26 -18.67 17.81
C GLY B 69 7.19 -19.83 17.47
N GLU B 70 6.93 -20.39 16.28
CA GLU B 70 7.65 -21.52 15.79
C GLU B 70 8.29 -21.21 14.48
N GLU B 71 9.59 -21.40 14.26
CA GLU B 71 10.08 -21.11 12.92
C GLU B 71 9.44 -21.76 11.71
N LEU B 72 9.07 -20.87 10.78
CA LEU B 72 8.45 -21.28 9.54
C LEU B 72 9.39 -21.07 8.35
N HIS B 73 9.58 -22.11 7.58
CA HIS B 73 10.45 -21.91 6.43
C HIS B 73 9.53 -21.99 5.19
N ILE B 74 9.58 -20.90 4.43
CA ILE B 74 8.79 -20.78 3.23
C ILE B 74 9.52 -20.83 1.90
N ILE B 75 9.29 -21.91 1.15
CA ILE B 75 9.93 -22.12 -0.11
C ILE B 75 9.15 -21.59 -1.32
N CYS B 76 9.69 -20.57 -1.96
CA CYS B 76 8.94 -20.02 -3.11
C CYS B 76 9.38 -20.70 -4.39
N ILE B 77 8.40 -21.15 -5.18
CA ILE B 77 8.72 -21.79 -6.45
C ILE B 77 8.74 -20.76 -7.64
N LEU B 78 9.95 -20.53 -8.10
CA LEU B 78 10.27 -19.65 -9.18
C LEU B 78 9.63 -19.47 -10.52
N LYS B 79 9.44 -18.15 -10.64
CA LYS B 79 8.81 -17.27 -11.56
C LYS B 79 7.35 -17.34 -11.08
N GLY B 80 6.73 -18.51 -11.33
CA GLY B 80 5.34 -18.73 -11.01
C GLY B 80 4.73 -18.31 -9.68
N SER B 81 5.38 -18.63 -8.58
CA SER B 81 4.74 -18.27 -7.34
C SER B 81 5.03 -16.91 -6.60
N ARG B 82 5.74 -16.06 -7.32
CA ARG B 82 6.24 -14.79 -6.91
C ARG B 82 5.27 -13.80 -6.33
N GLY B 83 4.28 -13.45 -7.11
CA GLY B 83 3.30 -12.51 -6.65
C GLY B 83 2.63 -12.92 -5.39
N PHE B 84 2.10 -14.16 -5.44
CA PHE B 84 1.39 -14.74 -4.29
C PHE B 84 2.32 -14.88 -3.06
N PHE B 85 3.50 -15.41 -3.30
CA PHE B 85 4.51 -15.61 -2.26
C PHE B 85 4.67 -14.28 -1.63
N ASN B 86 5.13 -13.27 -2.38
CA ASN B 86 5.34 -11.85 -1.89
C ASN B 86 4.12 -11.14 -1.22
N LEU B 87 2.90 -11.51 -1.56
CA LEU B 87 1.82 -10.86 -0.86
C LEU B 87 1.84 -11.53 0.51
N LEU B 88 2.20 -12.80 0.51
CA LEU B 88 2.20 -13.54 1.78
C LEU B 88 3.14 -12.98 2.83
N ILE B 89 4.42 -13.03 2.54
CA ILE B 89 5.39 -12.55 3.49
C ILE B 89 5.25 -11.10 3.92
N ASP B 90 4.45 -10.34 3.17
CA ASP B 90 4.26 -8.96 3.45
C ASP B 90 3.22 -8.95 4.53
N TYR B 91 2.17 -9.69 4.32
CA TYR B 91 1.20 -9.70 5.36
C TYR B 91 1.65 -10.37 6.61
N LEU B 92 2.48 -11.36 6.43
CA LEU B 92 2.99 -12.11 7.60
C LEU B 92 3.77 -11.19 8.55
N ALA B 93 4.69 -10.45 7.94
CA ALA B 93 5.58 -9.50 8.61
C ALA B 93 4.69 -8.55 9.37
N THR B 94 3.74 -7.96 8.65
CA THR B 94 2.88 -7.03 9.31
C THR B 94 2.01 -7.48 10.43
N ILE B 95 1.30 -8.58 10.18
CA ILE B 95 0.42 -9.12 11.18
C ILE B 95 1.17 -9.39 12.46
N GLN B 96 2.40 -9.86 12.34
CA GLN B 96 3.24 -10.14 13.50
C GLN B 96 3.69 -8.84 14.15
N LYS B 97 3.98 -7.86 13.33
CA LYS B 97 4.39 -6.56 13.88
C LYS B 97 3.27 -5.97 14.74
N TYR B 98 2.01 -6.19 14.36
CA TYR B 98 0.86 -5.62 15.11
C TYR B 98 0.20 -6.63 16.10
N SER B 99 0.76 -7.81 16.25
CA SER B 99 0.15 -8.81 17.16
C SER B 99 0.10 -8.58 18.68
N GLY B 100 1.14 -7.94 19.26
CA GLY B 100 1.19 -7.66 20.71
C GLY B 100 1.35 -8.92 21.58
N ARG B 101 1.61 -10.01 20.85
CA ARG B 101 1.84 -11.33 21.33
C ARG B 101 3.32 -11.52 20.84
N GLU B 102 4.26 -11.46 21.77
CA GLU B 102 5.62 -11.60 21.31
C GLU B 102 6.18 -12.94 20.91
N SER B 103 6.92 -12.93 19.81
CA SER B 103 7.55 -14.14 19.40
C SER B 103 8.97 -13.64 19.53
N SER B 104 9.88 -14.58 19.70
CA SER B 104 11.25 -14.20 19.78
C SER B 104 11.79 -14.76 18.45
N VAL B 105 10.94 -14.96 17.42
CA VAL B 105 11.45 -15.52 16.15
C VAL B 105 10.86 -14.77 14.97
N PRO B 106 11.60 -14.64 13.88
CA PRO B 106 11.11 -13.88 12.70
C PRO B 106 9.89 -14.53 12.23
N PRO B 107 9.09 -13.82 11.47
CA PRO B 107 7.83 -14.36 10.95
C PRO B 107 7.99 -15.46 9.88
N PHE B 108 9.20 -15.59 9.36
CA PHE B 108 9.52 -16.56 8.34
C PHE B 108 10.93 -16.44 7.90
N PHE B 109 11.31 -17.43 7.08
CA PHE B 109 12.62 -17.50 6.52
C PHE B 109 12.22 -17.89 5.11
N GLU B 110 12.71 -17.15 4.14
CA GLU B 110 12.38 -17.35 2.74
C GLU B 110 13.49 -18.16 2.08
N HIS B 111 13.15 -18.88 1.02
CA HIS B 111 14.16 -19.69 0.30
C HIS B 111 13.60 -19.82 -1.08
N TYR B 112 14.43 -19.89 -2.08
CA TYR B 112 13.77 -20.02 -3.37
C TYR B 112 14.24 -21.20 -4.08
N VAL B 113 13.30 -21.78 -4.83
CA VAL B 113 13.60 -22.94 -5.72
C VAL B 113 13.28 -22.69 -7.19
N ARG B 114 14.04 -23.30 -8.12
CA ARG B 114 13.74 -23.15 -9.56
C ARG B 114 13.12 -24.47 -10.12
N LEU B 115 12.69 -24.44 -11.37
CA LEU B 115 12.08 -25.59 -12.04
C LEU B 115 12.84 -26.22 -13.23
N LEU B 127 8.88 -31.54 -15.39
CA LEU B 127 9.42 -30.45 -14.52
C LEU B 127 9.81 -30.79 -13.06
N THR B 128 11.12 -30.73 -12.77
CA THR B 128 11.57 -31.05 -11.44
C THR B 128 11.95 -29.79 -10.64
N VAL B 129 11.79 -29.83 -9.31
CA VAL B 129 12.23 -28.67 -8.55
C VAL B 129 13.78 -28.71 -8.54
N LEU B 130 14.39 -27.54 -8.46
CA LEU B 130 15.84 -27.43 -8.50
C LEU B 130 16.31 -27.01 -7.16
N SER B 131 16.41 -27.92 -6.22
CA SER B 131 16.87 -27.43 -4.92
C SER B 131 18.36 -27.58 -4.74
N ASP B 132 18.85 -27.04 -3.64
CA ASP B 132 20.25 -27.17 -3.29
C ASP B 132 20.10 -28.13 -2.11
N ASP B 133 21.10 -28.24 -1.26
CA ASP B 133 21.01 -29.17 -0.15
C ASP B 133 19.73 -29.00 0.66
N LEU B 134 18.96 -30.04 0.92
CA LEU B 134 17.79 -29.72 1.71
C LEU B 134 18.04 -29.90 3.20
N SER B 135 19.27 -30.26 3.56
CA SER B 135 19.65 -30.44 4.97
C SER B 135 19.13 -29.30 5.90
N ILE B 136 19.24 -28.08 5.38
CA ILE B 136 18.82 -26.88 6.02
C ILE B 136 17.49 -27.02 6.74
N PHE B 137 16.65 -27.97 6.27
CA PHE B 137 15.27 -28.27 6.75
C PHE B 137 14.95 -29.30 7.81
N ARG B 138 15.94 -30.14 8.14
CA ARG B 138 15.77 -31.17 9.14
C ARG B 138 15.14 -30.48 10.35
N ASP B 139 14.10 -31.06 10.91
CA ASP B 139 13.45 -30.44 12.07
C ASP B 139 12.63 -29.15 11.79
N LYS B 140 12.64 -28.71 10.53
CA LYS B 140 11.90 -27.50 10.24
C LYS B 140 10.46 -27.58 9.84
N HIS B 141 9.78 -26.46 10.05
CA HIS B 141 8.38 -26.35 9.69
C HIS B 141 8.49 -25.88 8.25
N VAL B 142 8.01 -26.68 7.29
CA VAL B 142 8.18 -26.18 5.93
C VAL B 142 6.86 -25.96 5.21
N LEU B 143 6.68 -24.74 4.76
CA LEU B 143 5.47 -24.36 4.05
C LEU B 143 5.96 -24.16 2.54
N ILE B 144 5.36 -24.86 1.57
CA ILE B 144 5.76 -24.74 0.11
C ILE B 144 4.79 -23.82 -0.64
N VAL B 145 5.29 -22.88 -1.54
CA VAL B 145 4.26 -22.05 -2.12
C VAL B 145 4.01 -22.10 -3.62
N GLU B 146 2.77 -22.24 -4.11
CA GLU B 146 2.51 -22.30 -5.58
C GLU B 146 1.42 -21.39 -6.11
N ASP B 147 1.54 -21.03 -7.37
CA ASP B 147 0.45 -20.21 -7.89
C ASP B 147 -0.61 -21.26 -8.06
N ILE B 148 -0.16 -22.46 -8.34
CA ILE B 148 -1.07 -23.57 -8.54
C ILE B 148 -0.43 -24.96 -8.64
N VAL B 149 -1.08 -25.98 -8.11
CA VAL B 149 -0.49 -27.31 -8.27
C VAL B 149 -1.13 -27.94 -9.51
N ASP B 150 -0.49 -27.64 -10.64
CA ASP B 150 -0.83 -28.09 -12.00
C ASP B 150 -1.20 -29.54 -12.09
N THR B 151 -0.29 -30.33 -11.56
CA THR B 151 -0.45 -31.76 -11.57
C THR B 151 0.40 -32.21 -10.40
N GLY B 152 0.43 -33.49 -10.09
CA GLY B 152 1.22 -33.94 -8.94
C GLY B 152 2.72 -34.19 -9.00
N PHE B 153 3.24 -34.51 -10.18
CA PHE B 153 4.69 -34.80 -10.30
C PHE B 153 5.71 -33.97 -9.55
N THR B 154 5.77 -32.72 -9.97
CA THR B 154 6.74 -31.83 -9.36
C THR B 154 6.75 -31.85 -7.80
N LEU B 155 5.57 -31.63 -7.24
CA LEU B 155 5.46 -31.65 -5.82
C LEU B 155 5.75 -32.95 -5.16
N THR B 156 5.20 -34.06 -5.67
CA THR B 156 5.37 -35.37 -5.05
C THR B 156 6.83 -35.82 -5.09
N GLU B 157 7.37 -35.53 -6.27
CA GLU B 157 8.75 -35.90 -6.41
C GLU B 157 9.50 -35.08 -5.34
N PHE B 158 9.34 -33.77 -5.35
CA PHE B 158 9.99 -32.95 -4.37
C PHE B 158 9.66 -33.31 -2.90
N GLY B 159 8.40 -33.62 -2.63
CA GLY B 159 8.01 -33.98 -1.24
C GLY B 159 8.81 -35.18 -0.78
N GLU B 160 9.07 -36.10 -1.71
CA GLU B 160 9.82 -37.29 -1.35
C GLU B 160 11.17 -36.86 -0.86
N ARG B 161 11.86 -36.05 -1.65
CA ARG B 161 13.16 -35.50 -1.31
C ARG B 161 13.17 -34.81 0.07
N LEU B 162 12.22 -33.90 0.24
CA LEU B 162 12.10 -33.16 1.49
C LEU B 162 12.02 -34.18 2.63
N LYS B 163 10.99 -35.04 2.63
CA LYS B 163 10.75 -36.05 3.68
C LYS B 163 12.01 -36.84 4.06
N ALA B 164 12.93 -36.96 3.11
CA ALA B 164 14.16 -37.67 3.38
C ALA B 164 14.92 -36.97 4.54
N VAL B 165 14.89 -35.64 4.59
CA VAL B 165 15.57 -34.96 5.68
C VAL B 165 14.72 -34.83 6.97
N GLY B 166 13.50 -35.33 6.95
CA GLY B 166 12.68 -35.24 8.14
C GLY B 166 12.37 -33.80 8.62
N PRO B 167 11.45 -33.12 7.93
CA PRO B 167 11.14 -31.78 8.40
C PRO B 167 10.20 -32.13 9.50
N LYS B 168 9.89 -31.10 10.28
CA LYS B 168 8.98 -31.15 11.41
C LYS B 168 7.59 -31.18 10.82
N SER B 169 7.44 -30.75 9.58
CA SER B 169 6.14 -30.73 8.88
C SER B 169 6.36 -30.13 7.51
N MET B 170 5.47 -30.43 6.60
CA MET B 170 5.58 -29.96 5.25
C MET B 170 4.17 -29.67 4.85
N ARG B 171 3.88 -28.44 4.40
CA ARG B 171 2.53 -28.10 3.99
C ARG B 171 2.58 -27.32 2.69
N ILE B 172 1.47 -27.36 1.98
CA ILE B 172 1.39 -26.63 0.74
C ILE B 172 0.37 -25.51 0.72
N ALA B 173 0.73 -24.35 0.15
CA ALA B 173 -0.21 -23.21 0.05
C ALA B 173 -0.38 -22.99 -1.46
N THR B 174 -1.61 -22.87 -1.92
CA THR B 174 -1.69 -22.62 -3.34
C THR B 174 -2.80 -21.58 -3.56
N LEU B 175 -2.60 -20.67 -4.52
CA LEU B 175 -3.56 -19.58 -4.71
C LEU B 175 -4.81 -20.04 -5.25
N VAL B 176 -4.66 -20.62 -6.40
CA VAL B 176 -5.81 -21.15 -7.09
C VAL B 176 -5.88 -22.71 -7.07
N GLU B 177 -7.10 -23.22 -7.13
CA GLU B 177 -7.31 -24.68 -7.15
C GLU B 177 -8.40 -24.94 -8.16
N LYS B 178 -8.07 -25.72 -9.18
CA LYS B 178 -9.00 -26.04 -10.25
C LYS B 178 -9.87 -27.29 -10.19
N ARG B 179 -11.12 -27.13 -10.56
CA ARG B 179 -12.06 -28.19 -10.56
C ARG B 179 -11.74 -28.91 -11.86
N THR B 180 -11.12 -30.07 -11.68
CA THR B 180 -10.69 -30.89 -12.78
C THR B 180 -11.11 -32.35 -12.72
N ASP B 181 -11.02 -33.01 -13.87
CA ASP B 181 -11.34 -34.42 -14.00
C ASP B 181 -10.13 -35.27 -13.55
N ARG B 182 -8.94 -35.03 -14.08
CA ARG B 182 -7.78 -35.81 -13.71
C ARG B 182 -7.32 -36.09 -12.28
N SER B 183 -8.17 -35.72 -11.32
CA SER B 183 -7.88 -35.92 -9.89
C SER B 183 -7.33 -37.19 -9.18
N ASN B 184 -6.02 -37.21 -9.13
CA ASN B 184 -5.18 -38.24 -8.54
C ASN B 184 -4.09 -37.19 -8.35
N SER B 185 -4.34 -36.24 -7.45
CA SER B 185 -3.37 -35.16 -7.23
C SER B 185 -3.18 -34.54 -5.84
N LEU B 186 -2.26 -33.59 -5.83
CA LEU B 186 -1.93 -32.88 -4.63
C LEU B 186 -3.07 -31.96 -4.35
N LYS B 187 -3.34 -31.76 -3.09
CA LYS B 187 -4.44 -30.92 -2.65
C LYS B 187 -3.60 -30.05 -1.75
N GLY B 188 -3.94 -28.78 -1.62
CA GLY B 188 -3.16 -27.86 -0.79
C GLY B 188 -3.74 -27.77 0.63
N ASP B 189 -2.87 -27.36 1.56
CA ASP B 189 -3.26 -27.14 2.95
C ASP B 189 -3.82 -25.67 3.09
N PHE B 190 -3.23 -24.74 2.35
CA PHE B 190 -3.73 -23.35 2.42
C PHE B 190 -3.94 -22.90 0.97
N VAL B 191 -5.19 -22.80 0.56
CA VAL B 191 -5.47 -22.39 -0.83
C VAL B 191 -6.53 -21.29 -0.88
N GLY B 192 -6.18 -20.36 -1.76
CA GLY B 192 -6.95 -19.14 -2.04
C GLY B 192 -8.31 -19.43 -2.62
N PHE B 193 -8.33 -19.78 -3.90
CA PHE B 193 -9.62 -20.01 -4.53
C PHE B 193 -9.82 -21.36 -5.19
N SER B 194 -11.10 -21.68 -5.32
CA SER B 194 -11.53 -22.88 -5.97
C SER B 194 -12.22 -22.27 -7.19
N ILE B 195 -11.64 -22.70 -8.32
CA ILE B 195 -12.06 -22.31 -9.65
C ILE B 195 -12.42 -23.41 -10.68
N GLU B 196 -13.08 -22.93 -11.74
CA GLU B 196 -13.55 -23.65 -12.90
C GLU B 196 -12.31 -23.94 -13.73
N ASP B 197 -12.28 -25.02 -14.53
CA ASP B 197 -11.11 -25.35 -15.32
C ASP B 197 -11.06 -24.39 -16.52
N VAL B 198 -10.40 -23.27 -16.32
CA VAL B 198 -10.41 -22.34 -17.40
C VAL B 198 -9.02 -21.89 -17.46
N TRP B 199 -8.62 -21.32 -18.60
CA TRP B 199 -7.26 -20.83 -18.82
C TRP B 199 -7.22 -19.39 -18.33
N ILE B 200 -6.30 -19.16 -17.37
CA ILE B 200 -6.14 -17.85 -16.73
C ILE B 200 -4.74 -17.26 -16.97
N VAL B 201 -4.69 -15.95 -16.85
CA VAL B 201 -3.43 -15.19 -17.00
C VAL B 201 -3.56 -13.90 -16.23
N GLY B 202 -2.44 -13.42 -15.78
CA GLY B 202 -2.40 -12.19 -15.00
C GLY B 202 -2.01 -12.55 -13.57
N CYS B 203 -1.72 -11.53 -12.83
CA CYS B 203 -1.25 -11.61 -11.44
C CYS B 203 -0.34 -12.81 -11.18
N CYS B 204 0.60 -12.84 -12.03
CA CYS B 204 1.72 -13.79 -12.10
C CYS B 204 1.46 -15.05 -12.91
N TYR B 205 0.28 -15.16 -13.45
CA TYR B 205 -0.04 -16.28 -14.32
C TYR B 205 0.26 -15.80 -15.70
N ASP B 206 1.03 -16.51 -16.44
CA ASP B 206 1.37 -16.05 -17.77
C ASP B 206 0.89 -17.00 -18.84
N PHE B 207 1.00 -16.50 -20.02
CA PHE B 207 0.75 -17.24 -21.23
C PHE B 207 2.02 -17.03 -21.97
N ASN B 208 2.85 -18.07 -21.98
CA ASN B 208 4.14 -17.99 -22.65
C ASN B 208 4.92 -16.75 -22.19
N GLU B 209 4.90 -16.43 -20.91
CA GLU B 209 5.63 -15.28 -20.35
C GLU B 209 5.00 -13.95 -20.66
N MET B 210 3.74 -14.03 -20.95
CA MET B 210 2.93 -12.88 -21.20
C MET B 210 1.98 -12.70 -20.01
N PHE B 211 1.68 -11.45 -19.75
CA PHE B 211 0.70 -10.98 -18.72
C PHE B 211 1.03 -11.26 -17.23
N ARG B 212 2.26 -11.47 -16.88
CA ARG B 212 2.58 -11.69 -15.47
C ARG B 212 2.29 -10.40 -14.65
N ASP B 213 2.61 -9.26 -15.27
CA ASP B 213 2.48 -7.91 -14.64
C ASP B 213 1.06 -7.37 -14.60
N PHE B 214 0.12 -8.05 -15.23
CA PHE B 214 -1.26 -7.60 -15.19
C PHE B 214 -1.75 -7.77 -13.74
N ASP B 215 -2.56 -6.84 -13.29
CA ASP B 215 -3.05 -6.91 -11.92
C ASP B 215 -4.09 -7.93 -11.63
N HIS B 216 -4.97 -8.19 -12.60
CA HIS B 216 -6.01 -9.16 -12.28
C HIS B 216 -5.78 -10.47 -12.98
N VAL B 217 -6.48 -11.50 -12.46
CA VAL B 217 -6.46 -12.90 -12.94
C VAL B 217 -7.54 -12.91 -13.99
N ALA B 218 -7.09 -13.00 -15.23
CA ALA B 218 -8.00 -12.95 -16.37
C ALA B 218 -8.10 -14.31 -17.03
N VAL B 219 -9.10 -14.45 -17.87
CA VAL B 219 -9.25 -15.70 -18.57
C VAL B 219 -8.47 -15.49 -19.90
N LEU B 220 -7.72 -16.47 -20.32
CA LEU B 220 -6.94 -16.44 -21.58
C LEU B 220 -7.91 -16.35 -22.76
N SER B 221 -7.77 -15.28 -23.53
CA SER B 221 -8.65 -15.08 -24.68
C SER B 221 -8.04 -15.70 -25.95
N ASP B 222 -8.84 -15.82 -27.01
CA ASP B 222 -8.32 -16.41 -28.24
C ASP B 222 -7.35 -15.53 -28.99
N ALA B 223 -7.63 -14.23 -28.99
CA ALA B 223 -6.78 -13.28 -29.65
C ALA B 223 -5.36 -13.37 -29.08
N ALA B 224 -5.29 -13.20 -27.78
CA ALA B 224 -4.04 -13.25 -27.10
C ALA B 224 -3.33 -14.60 -27.26
N ARG B 225 -4.13 -15.65 -27.40
CA ARG B 225 -3.57 -16.97 -27.54
C ARG B 225 -3.03 -17.15 -28.97
N LYS B 226 -3.90 -16.85 -29.87
CA LYS B 226 -3.70 -16.89 -31.32
C LYS B 226 -2.48 -16.05 -31.71
N LYS B 227 -2.24 -15.08 -30.86
CA LYS B 227 -1.18 -14.11 -31.08
C LYS B 227 0.10 -14.33 -30.31
N PHE B 228 0.14 -15.14 -29.27
CA PHE B 228 1.41 -15.09 -28.53
C PHE B 228 2.40 -16.27 -28.67
N GLU B 229 2.33 -16.94 -29.78
CA GLU B 229 3.34 -17.98 -30.10
C GLU B 229 3.15 -18.48 -31.52
N LYS B 230 2.59 -19.66 -31.60
CA LYS B 230 2.39 -20.34 -32.88
C LYS B 230 1.59 -19.56 -33.93
N VAL B 231 2.25 -18.66 -34.67
CA VAL B 231 1.53 -18.01 -35.77
C VAL B 231 2.12 -18.67 -37.04
N ILE C 6 -7.23 14.74 33.83
CA ILE C 6 -8.15 15.57 33.03
C ILE C 6 -7.77 16.99 33.15
N GLU C 7 -7.24 17.34 34.29
CA GLU C 7 -6.83 18.71 34.37
C GLU C 7 -5.56 18.76 33.52
N ASP C 8 -5.11 17.63 33.00
CA ASP C 8 -3.89 17.62 32.21
C ASP C 8 -3.96 17.92 30.73
N TYR C 9 -5.13 18.29 30.23
CA TYR C 9 -5.28 18.60 28.82
C TYR C 9 -4.27 19.61 28.37
N GLY C 10 -3.78 19.51 27.13
CA GLY C 10 -2.82 20.48 26.60
C GLY C 10 -1.58 20.55 27.45
N LYS C 11 -1.50 19.67 28.43
CA LYS C 11 -0.31 19.75 29.22
C LYS C 11 0.77 18.81 28.74
N GLY C 12 0.40 17.70 28.11
CA GLY C 12 1.45 16.77 27.66
C GLY C 12 2.13 15.91 28.78
N LYS C 13 1.43 15.72 29.92
CA LYS C 13 1.97 14.95 31.03
C LYS C 13 2.47 13.56 30.82
N GLY C 14 1.62 12.62 30.49
CA GLY C 14 2.17 11.25 30.32
C GLY C 14 3.23 11.18 29.21
N ARG C 15 2.80 11.68 28.05
CA ARG C 15 3.52 11.77 26.80
C ARG C 15 4.90 11.22 26.53
N ILE C 16 5.00 10.47 25.45
CA ILE C 16 6.29 9.99 25.07
C ILE C 16 6.71 11.09 24.08
N GLU C 17 8.00 11.44 24.15
CA GLU C 17 8.54 12.51 23.35
C GLU C 17 8.59 12.27 21.89
N PRO C 18 8.23 13.31 21.14
CA PRO C 18 8.18 13.33 19.63
C PRO C 18 9.50 13.04 18.95
N MET C 19 9.45 12.54 17.71
CA MET C 19 10.69 12.30 17.03
C MET C 19 11.25 13.70 16.84
N TYR C 20 12.45 13.87 17.40
CA TYR C 20 13.21 15.11 17.40
C TYR C 20 14.00 15.38 16.11
N ILE C 21 13.64 16.44 15.39
CA ILE C 21 14.30 16.74 14.17
C ILE C 21 15.27 17.88 14.30
N PRO C 22 16.56 17.58 14.31
CA PRO C 22 17.51 18.68 14.43
C PRO C 22 17.39 19.81 13.42
N ASP C 23 17.73 20.98 13.93
CA ASP C 23 17.75 22.29 13.25
C ASP C 23 18.47 22.29 11.89
N ASN C 24 17.87 22.99 10.92
CA ASN C 24 18.42 23.11 9.58
C ASN C 24 18.68 21.79 8.90
N THR C 25 17.81 20.82 9.10
CA THR C 25 18.12 19.57 8.40
C THR C 25 17.09 19.29 7.32
N PHE C 26 17.49 19.24 6.06
CA PHE C 26 16.51 19.03 5.01
C PHE C 26 17.05 18.07 4.01
N TYR C 27 16.28 17.72 2.97
CA TYR C 27 16.70 16.83 1.86
C TYR C 27 16.30 17.59 0.61
N ASN C 28 16.99 17.45 -0.53
CA ASN C 28 16.58 18.16 -1.77
C ASN C 28 15.38 17.56 -2.45
N ALA C 29 14.45 18.43 -2.81
CA ALA C 29 13.24 17.94 -3.46
C ALA C 29 13.53 17.16 -4.67
N ASP C 30 14.67 17.54 -5.23
CA ASP C 30 15.16 17.02 -6.47
C ASP C 30 15.52 15.56 -6.43
N ASP C 31 15.68 15.00 -5.27
CA ASP C 31 15.97 13.64 -5.43
C ASP C 31 14.74 12.83 -5.03
N PHE C 32 13.59 13.48 -5.23
CA PHE C 32 12.30 12.87 -4.93
C PHE C 32 11.46 12.96 -6.17
N LEU C 33 10.29 12.36 -6.19
CA LEU C 33 9.55 12.57 -7.47
C LEU C 33 8.47 13.57 -7.04
N VAL C 34 8.61 14.79 -7.54
CA VAL C 34 7.75 15.95 -7.25
C VAL C 34 6.84 16.26 -8.42
N PRO C 35 5.52 16.13 -8.27
CA PRO C 35 4.57 16.38 -9.37
C PRO C 35 4.85 17.71 -10.01
N PRO C 36 4.92 17.72 -11.34
CA PRO C 36 5.16 18.88 -12.15
C PRO C 36 4.66 20.23 -11.63
N HIS C 37 3.43 20.29 -11.10
CA HIS C 37 2.91 21.59 -10.56
C HIS C 37 3.44 22.01 -9.16
N CYS C 38 4.57 21.50 -8.73
CA CYS C 38 5.09 21.79 -7.43
C CYS C 38 6.59 21.86 -7.66
N LYS C 39 7.02 21.68 -8.91
CA LYS C 39 8.43 21.68 -9.23
C LYS C 39 9.07 23.02 -9.13
N PRO C 40 8.45 24.02 -9.69
CA PRO C 40 9.08 25.30 -9.60
C PRO C 40 9.07 25.67 -8.12
N TYR C 41 8.04 25.23 -7.44
CA TYR C 41 8.00 25.65 -6.08
C TYR C 41 8.80 25.17 -4.93
N ILE C 42 8.97 23.87 -4.82
CA ILE C 42 9.72 23.34 -3.71
C ILE C 42 11.19 23.08 -3.93
N ASP C 43 11.97 23.05 -2.88
CA ASP C 43 13.41 22.83 -3.04
C ASP C 43 13.89 21.98 -1.92
N LYS C 44 13.41 22.29 -0.71
CA LYS C 44 13.79 21.53 0.44
C LYS C 44 12.64 20.81 1.06
N ILE C 45 12.96 19.60 1.46
CA ILE C 45 12.01 18.72 2.10
C ILE C 45 12.33 18.49 3.52
N LEU C 46 11.41 18.85 4.41
CA LEU C 46 11.59 18.66 5.84
C LEU C 46 11.34 17.18 6.13
N LEU C 47 10.08 16.75 5.88
CA LEU C 47 9.66 15.34 6.05
C LEU C 47 9.11 14.54 4.85
N PRO C 48 9.80 13.44 4.46
CA PRO C 48 9.32 12.53 3.37
C PRO C 48 8.04 11.90 3.94
N GLY C 49 7.01 11.89 3.11
CA GLY C 49 5.71 11.36 3.52
C GLY C 49 5.93 9.99 4.04
N GLY C 50 6.86 9.27 3.44
CA GLY C 50 7.21 7.90 3.91
C GLY C 50 7.79 7.95 5.36
N LEU C 51 8.51 9.02 5.74
CA LEU C 51 9.03 9.08 7.11
C LEU C 51 7.80 9.31 7.98
N VAL C 52 6.91 10.21 7.52
CA VAL C 52 5.71 10.55 8.31
C VAL C 52 4.78 9.32 8.44
N LYS C 53 4.61 8.51 7.40
CA LYS C 53 3.76 7.29 7.56
C LYS C 53 4.48 6.37 8.51
N ASP C 54 5.79 6.53 8.57
CA ASP C 54 6.46 5.64 9.50
C ASP C 54 6.20 6.07 10.95
N ARG C 55 6.27 7.36 11.17
CA ARG C 55 6.02 7.81 12.51
C ARG C 55 4.60 7.58 12.98
N VAL C 56 3.70 7.98 12.11
CA VAL C 56 2.34 7.82 12.44
C VAL C 56 1.95 6.37 12.77
N GLU C 57 2.62 5.43 12.10
CA GLU C 57 2.28 4.04 12.33
C GLU C 57 2.60 3.85 13.76
N LYS C 58 3.74 4.43 14.11
CA LYS C 58 4.20 4.33 15.47
C LYS C 58 3.18 4.93 16.46
N LEU C 59 2.64 6.13 16.16
CA LEU C 59 1.66 6.76 17.09
C LEU C 59 0.37 5.98 17.17
N ALA C 60 0.03 5.33 16.06
CA ALA C 60 -1.19 4.57 15.99
C ALA C 60 -1.07 3.58 17.04
N TYR C 61 0.07 2.90 17.05
CA TYR C 61 0.36 1.82 18.01
C TYR C 61 0.27 2.25 19.46
N ASP C 62 0.99 3.35 19.69
CA ASP C 62 0.98 3.96 21.01
C ASP C 62 -0.50 4.22 21.38
N ILE C 63 -1.29 4.83 20.50
CA ILE C 63 -2.68 5.14 20.79
C ILE C 63 -3.50 3.87 21.01
N HIS C 64 -3.27 2.92 20.16
CA HIS C 64 -3.99 1.64 20.24
C HIS C 64 -3.72 0.96 21.58
N ARG C 65 -2.51 1.15 22.02
CA ARG C 65 -2.05 0.64 23.25
C ARG C 65 -2.73 1.41 24.35
N THR C 66 -3.02 2.74 24.13
CA THR C 66 -3.58 3.41 25.26
C THR C 66 -5.08 3.27 25.41
N TYR C 67 -5.81 2.90 24.36
CA TYR C 67 -7.27 2.80 24.53
C TYR C 67 -7.85 1.45 24.29
N PHE C 68 -6.98 0.44 24.25
CA PHE C 68 -7.47 -0.89 23.98
C PHE C 68 -8.62 -1.34 24.84
N GLY C 69 -9.70 -1.70 24.16
CA GLY C 69 -10.95 -2.25 24.73
C GLY C 69 -12.02 -1.35 25.32
N GLU C 70 -11.80 -0.05 25.14
CA GLU C 70 -12.61 1.04 25.60
C GLU C 70 -12.99 1.91 24.41
N GLU C 71 -14.21 2.48 24.41
CA GLU C 71 -14.58 3.31 23.30
C GLU C 71 -13.78 4.61 23.31
N LEU C 72 -13.44 4.94 22.04
CA LEU C 72 -12.58 6.07 21.64
C LEU C 72 -13.29 6.93 20.57
N HIS C 73 -13.35 8.21 20.86
CA HIS C 73 -13.96 9.20 19.97
C HIS C 73 -12.90 10.20 19.58
N ILE C 74 -12.55 10.13 18.32
CA ILE C 74 -11.55 11.02 17.76
C ILE C 74 -12.19 12.07 16.96
N ILE C 75 -11.92 13.31 17.33
CA ILE C 75 -12.49 14.44 16.67
C ILE C 75 -11.47 15.00 15.74
N CYS C 76 -11.85 15.12 14.49
CA CYS C 76 -10.95 15.68 13.50
C CYS C 76 -11.27 17.17 13.25
N ILE C 77 -10.32 18.05 13.60
CA ILE C 77 -10.46 19.47 13.41
C ILE C 77 -10.34 19.65 11.89
N LEU C 78 -11.49 19.67 11.23
CA LEU C 78 -11.55 19.80 9.78
C LEU C 78 -10.74 20.73 8.89
N LYS C 79 -10.48 20.22 7.68
CA LYS C 79 -9.71 20.90 6.62
C LYS C 79 -8.21 20.61 6.72
N GLY C 80 -7.60 21.11 7.81
CA GLY C 80 -6.18 20.92 8.02
C GLY C 80 -5.70 19.59 8.61
N SER C 81 -6.61 18.75 9.09
CA SER C 81 -6.19 17.48 9.69
C SER C 81 -6.52 16.18 8.92
N ARG C 82 -6.97 16.33 7.68
CA ARG C 82 -7.36 15.21 6.83
C ARG C 82 -6.23 14.16 6.77
N GLY C 83 -5.07 14.65 6.33
CA GLY C 83 -3.86 13.83 6.17
C GLY C 83 -3.66 12.97 7.38
N PHE C 84 -3.19 13.62 8.42
CA PHE C 84 -2.96 12.93 9.67
C PHE C 84 -4.10 12.08 10.17
N PHE C 85 -5.28 12.67 10.28
CA PHE C 85 -6.43 11.93 10.76
C PHE C 85 -6.59 10.68 9.91
N ASN C 86 -6.68 10.89 8.60
CA ASN C 86 -6.83 9.79 7.67
C ASN C 86 -5.89 8.59 7.75
N LEU C 87 -4.59 8.89 7.91
CA LEU C 87 -3.46 7.98 8.06
C LEU C 87 -3.55 7.25 9.43
N LEU C 88 -4.16 7.94 10.40
CA LEU C 88 -4.32 7.41 11.73
C LEU C 88 -5.41 6.35 11.85
N ILE C 89 -6.63 6.62 11.45
CA ILE C 89 -7.62 5.53 11.61
C ILE C 89 -7.29 4.26 10.82
N ASP C 90 -6.60 4.46 9.70
CA ASP C 90 -6.17 3.41 8.80
C ASP C 90 -5.39 2.41 9.61
N TYR C 91 -4.38 2.91 10.24
CA TYR C 91 -3.53 2.09 11.08
C TYR C 91 -4.35 1.51 12.23
N LEU C 92 -4.93 2.42 12.98
CA LEU C 92 -5.77 2.09 14.16
C LEU C 92 -6.58 0.84 13.89
N ALA C 93 -7.37 0.95 12.85
CA ALA C 93 -8.24 -0.10 12.42
C ALA C 93 -7.42 -1.34 12.09
N THR C 94 -6.43 -1.18 11.22
CA THR C 94 -5.62 -2.34 10.80
C THR C 94 -5.01 -3.07 12.00
N ILE C 95 -4.41 -2.31 12.89
CA ILE C 95 -3.78 -2.87 14.10
C ILE C 95 -4.83 -3.70 14.87
N GLN C 96 -6.02 -3.15 15.01
CA GLN C 96 -7.13 -3.82 15.69
C GLN C 96 -7.33 -5.15 15.03
N LYS C 97 -7.32 -5.18 13.68
CA LYS C 97 -7.53 -6.44 12.96
C LYS C 97 -6.53 -7.59 13.04
N TYR C 98 -5.24 -7.24 13.10
CA TYR C 98 -4.23 -8.27 13.20
C TYR C 98 -3.79 -8.50 14.64
N SER C 99 -4.52 -7.95 15.58
CA SER C 99 -4.12 -8.16 16.97
C SER C 99 -4.54 -9.56 17.51
N GLY C 100 -5.60 -10.12 16.93
CA GLY C 100 -6.08 -11.44 17.39
C GLY C 100 -6.40 -11.48 18.89
N ARG C 101 -6.23 -10.32 19.54
CA ARG C 101 -6.52 -10.12 20.93
C ARG C 101 -7.89 -9.40 20.80
N GLU C 102 -8.95 -10.18 20.91
CA GLU C 102 -10.33 -9.72 20.80
C GLU C 102 -10.79 -8.59 21.72
N SER C 103 -11.72 -7.78 21.17
CA SER C 103 -12.36 -6.61 21.76
C SER C 103 -13.74 -6.52 21.09
N SER C 104 -14.79 -6.20 21.82
CA SER C 104 -16.11 -6.06 21.24
C SER C 104 -16.31 -4.60 20.80
N VAL C 105 -15.22 -3.86 20.73
CA VAL C 105 -15.29 -2.46 20.37
C VAL C 105 -14.48 -2.02 19.19
N PRO C 106 -15.14 -1.22 18.39
CA PRO C 106 -14.49 -0.69 17.22
C PRO C 106 -13.25 0.08 17.63
N PRO C 107 -12.32 0.18 16.70
CA PRO C 107 -11.08 0.88 16.90
C PRO C 107 -11.36 2.35 17.24
N PHE C 108 -12.38 2.99 16.69
CA PHE C 108 -12.52 4.37 17.09
C PHE C 108 -13.87 4.73 16.62
N PHE C 109 -14.27 5.95 16.98
CA PHE C 109 -15.53 6.50 16.58
C PHE C 109 -15.00 7.79 16.04
N GLU C 110 -15.42 8.21 14.84
CA GLU C 110 -14.99 9.43 14.17
C GLU C 110 -16.03 10.51 14.31
N HIS C 111 -15.49 11.73 14.30
CA HIS C 111 -16.26 12.92 14.49
C HIS C 111 -15.56 14.15 13.73
N TYR C 112 -16.31 15.10 13.16
CA TYR C 112 -15.64 16.24 12.48
C TYR C 112 -16.03 17.65 12.95
N VAL C 113 -15.06 18.53 13.24
CA VAL C 113 -15.43 19.87 13.68
C VAL C 113 -14.52 20.85 12.92
N ARG C 114 -15.13 21.76 12.18
CA ARG C 114 -14.36 22.74 11.36
C ARG C 114 -14.07 24.00 12.15
N LEU C 115 -13.37 24.90 11.52
CA LEU C 115 -12.99 26.18 12.14
C LEU C 115 -11.84 25.95 13.10
N LEU C 127 -9.25 32.12 16.33
CA LEU C 127 -9.51 31.12 15.28
C LEU C 127 -10.39 29.96 15.77
N THR C 128 -11.38 30.25 16.63
CA THR C 128 -12.34 29.30 17.23
C THR C 128 -12.89 28.06 16.48
N VAL C 129 -13.29 27.04 17.24
CA VAL C 129 -13.83 25.80 16.69
C VAL C 129 -15.32 25.83 16.40
N LEU C 130 -15.69 25.64 15.15
CA LEU C 130 -17.11 25.62 14.83
C LEU C 130 -17.60 24.23 15.24
N SER C 131 -18.20 24.22 16.41
CA SER C 131 -18.72 23.04 17.04
C SER C 131 -19.60 22.01 16.33
N ASP C 132 -20.31 21.33 17.23
CA ASP C 132 -21.28 20.25 17.01
C ASP C 132 -22.10 20.26 18.34
N ASP C 133 -23.06 19.35 18.51
CA ASP C 133 -23.88 19.27 19.74
C ASP C 133 -23.20 18.22 20.63
N LEU C 134 -22.02 18.61 21.08
CA LEU C 134 -21.15 17.78 21.91
C LEU C 134 -21.53 17.47 23.35
N SER C 135 -22.58 16.68 23.54
CA SER C 135 -23.00 16.33 24.89
C SER C 135 -22.73 14.86 24.91
N ILE C 136 -22.77 14.34 23.70
CA ILE C 136 -22.54 12.92 23.47
C ILE C 136 -21.24 12.40 24.13
N PHE C 137 -20.22 13.20 24.19
CA PHE C 137 -18.93 12.76 24.78
C PHE C 137 -18.96 12.79 26.32
N ARG C 138 -20.14 12.52 26.88
CA ARG C 138 -20.39 12.63 28.35
C ARG C 138 -19.56 11.73 29.27
N ASP C 139 -18.68 10.90 28.75
CA ASP C 139 -17.90 10.11 29.67
C ASP C 139 -17.06 9.23 28.84
N LYS C 140 -16.99 9.61 27.57
CA LYS C 140 -16.24 8.90 26.55
C LYS C 140 -14.81 9.23 26.72
N HIS C 141 -13.98 8.58 25.90
CA HIS C 141 -12.54 8.83 25.91
C HIS C 141 -12.40 9.60 24.61
N VAL C 142 -11.92 10.85 24.71
CA VAL C 142 -11.74 11.69 23.54
C VAL C 142 -10.27 12.03 23.28
N LEU C 143 -9.88 12.00 22.00
CA LEU C 143 -8.55 12.34 21.50
C LEU C 143 -8.82 13.41 20.45
N ILE C 144 -8.29 14.57 20.59
CA ILE C 144 -8.49 15.62 19.58
C ILE C 144 -7.30 15.54 18.61
N VAL C 145 -7.53 15.68 17.32
CA VAL C 145 -6.38 15.55 16.38
C VAL C 145 -6.07 16.85 15.60
N GLU C 146 -4.79 17.13 15.51
CA GLU C 146 -4.33 18.33 14.80
C GLU C 146 -3.10 18.05 13.99
N ASP C 147 -2.90 18.80 12.92
CA ASP C 147 -1.70 18.66 12.06
C ASP C 147 -0.52 19.32 12.83
N ILE C 148 -0.81 20.47 13.45
CA ILE C 148 0.16 21.21 14.24
C ILE C 148 -0.56 22.14 15.22
N VAL C 149 0.16 22.56 16.25
CA VAL C 149 -0.44 23.46 17.24
C VAL C 149 0.53 24.59 17.67
N ASP C 150 0.47 25.69 16.91
CA ASP C 150 1.28 26.88 17.11
C ASP C 150 0.82 27.86 18.21
N THR C 151 -0.48 27.84 18.48
CA THR C 151 -1.03 28.70 19.50
C THR C 151 -1.94 27.94 20.46
N GLY C 152 -3.03 28.54 20.89
CA GLY C 152 -3.91 27.86 21.85
C GLY C 152 -5.30 28.47 21.97
N PHE C 153 -5.49 29.60 21.31
CA PHE C 153 -6.79 30.33 21.33
C PHE C 153 -7.83 29.56 20.48
N THR C 154 -8.15 28.38 20.98
CA THR C 154 -9.10 27.46 20.31
C THR C 154 -8.99 26.10 20.90
N LEU C 155 -7.76 25.59 20.86
CA LEU C 155 -7.46 24.26 21.38
C LEU C 155 -7.83 24.23 22.85
N THR C 156 -7.48 25.35 23.50
CA THR C 156 -7.77 25.58 24.91
C THR C 156 -9.28 25.92 25.07
N GLU C 157 -9.83 26.72 24.17
CA GLU C 157 -11.26 27.07 24.24
C GLU C 157 -12.25 25.90 24.06
N PHE C 158 -12.00 25.05 23.06
CA PHE C 158 -12.83 23.88 22.76
C PHE C 158 -12.65 22.86 23.88
N GLY C 159 -11.44 22.87 24.45
CA GLY C 159 -11.11 21.99 25.56
C GLY C 159 -12.05 22.35 26.72
N GLU C 160 -12.31 23.64 26.90
CA GLU C 160 -13.19 24.02 27.98
C GLU C 160 -14.63 23.64 27.68
N ARG C 161 -15.05 23.85 26.44
CA ARG C 161 -16.41 23.50 26.05
C ARG C 161 -16.63 22.03 26.37
N LEU C 162 -15.64 21.20 25.99
CA LEU C 162 -15.65 19.76 26.22
C LEU C 162 -15.76 19.47 27.73
N LYS C 163 -14.76 19.97 28.45
CA LYS C 163 -14.64 19.80 29.90
C LYS C 163 -15.97 19.79 30.68
N ALA C 164 -16.87 20.66 30.22
CA ALA C 164 -18.17 20.82 30.84
C ALA C 164 -19.08 19.59 30.80
N VAL C 165 -18.86 18.71 29.81
CA VAL C 165 -19.67 17.52 29.69
C VAL C 165 -19.07 16.31 30.43
N GLY C 166 -17.99 16.58 31.19
CA GLY C 166 -17.32 15.55 31.97
C GLY C 166 -16.97 14.35 31.14
N PRO C 167 -16.26 14.57 30.05
CA PRO C 167 -15.90 13.42 29.24
C PRO C 167 -14.94 12.59 30.12
N LYS C 168 -14.85 11.27 29.92
CA LYS C 168 -13.92 10.51 30.75
C LYS C 168 -12.43 10.78 30.50
N SER C 169 -12.05 11.19 29.27
CA SER C 169 -10.63 11.41 28.92
C SER C 169 -10.41 12.55 27.94
N MET C 170 -9.25 13.17 28.02
CA MET C 170 -8.93 14.26 27.09
C MET C 170 -7.46 14.19 26.74
N ARG C 171 -7.19 14.14 25.44
CA ARG C 171 -5.84 14.02 24.85
C ARG C 171 -5.88 14.57 23.41
N ILE C 172 -4.71 14.99 22.98
CA ILE C 172 -4.56 15.61 21.69
C ILE C 172 -3.52 14.88 21.00
N ALA C 173 -3.66 14.77 19.70
CA ALA C 173 -2.65 14.06 18.95
C ALA C 173 -2.20 15.01 17.83
N THR C 174 -0.93 15.37 17.85
CA THR C 174 -0.50 16.28 16.83
C THR C 174 0.65 15.77 16.03
N LEU C 175 0.55 16.02 14.74
CA LEU C 175 1.57 15.60 13.79
C LEU C 175 2.85 16.29 14.02
N VAL C 176 2.75 17.61 14.07
CA VAL C 176 3.95 18.46 14.27
C VAL C 176 3.81 19.45 15.46
N GLU C 177 4.95 19.87 16.01
CA GLU C 177 5.11 20.84 17.12
C GLU C 177 6.47 21.50 16.88
N LYS C 178 6.41 22.81 16.56
CA LYS C 178 7.61 23.59 16.28
C LYS C 178 8.24 24.00 17.60
N ARG C 179 9.55 24.05 17.63
CA ARG C 179 10.20 24.40 18.86
C ARG C 179 10.06 25.87 18.92
N THR C 180 9.50 26.32 20.03
CA THR C 180 9.27 27.72 20.19
C THR C 180 9.45 28.49 21.49
N ASP C 181 9.60 29.80 21.26
CA ASP C 181 9.77 30.87 22.24
C ASP C 181 8.45 31.32 22.86
N ARG C 182 7.30 30.75 22.45
CA ARG C 182 6.00 31.13 23.02
C ARG C 182 5.82 30.56 24.43
N SER C 183 4.61 30.67 24.98
CA SER C 183 4.30 30.14 26.32
C SER C 183 2.84 29.72 26.32
N ASN C 184 2.42 29.05 27.38
CA ASN C 184 1.03 28.57 27.54
C ASN C 184 0.49 28.01 26.20
N SER C 185 1.42 27.51 25.38
CA SER C 185 1.16 26.92 24.06
C SER C 185 0.91 25.44 24.29
N LEU C 186 -0.17 24.92 23.75
CA LEU C 186 -0.49 23.52 23.97
C LEU C 186 0.54 22.45 23.67
N LYS C 187 0.49 21.38 24.42
CA LYS C 187 1.43 20.34 24.14
C LYS C 187 0.60 19.12 23.81
N GLY C 188 1.11 18.28 22.90
CA GLY C 188 0.39 17.09 22.55
C GLY C 188 0.76 15.91 23.49
N ASP C 189 -0.11 14.92 23.48
CA ASP C 189 0.08 13.73 24.27
C ASP C 189 0.69 12.62 23.43
N PHE C 190 0.37 12.69 22.14
CA PHE C 190 0.76 11.79 20.99
C PHE C 190 1.26 12.75 19.89
N VAL C 191 2.55 13.02 19.94
CA VAL C 191 3.10 13.94 19.00
C VAL C 191 4.01 13.29 17.98
N GLY C 192 3.81 13.70 16.75
CA GLY C 192 4.56 13.21 15.60
C GLY C 192 6.05 13.57 15.68
N PHE C 193 6.43 14.79 15.28
CA PHE C 193 7.85 15.20 15.31
C PHE C 193 7.95 16.59 15.97
N SER C 194 9.19 16.94 16.31
CA SER C 194 9.57 18.23 16.86
C SER C 194 10.46 18.87 15.80
N ILE C 195 9.91 19.93 15.24
CA ILE C 195 10.66 20.59 14.24
C ILE C 195 10.83 21.98 14.74
N GLU C 196 11.79 22.63 14.12
CA GLU C 196 12.10 23.99 14.42
C GLU C 196 10.96 24.88 13.93
N ASP C 197 11.01 26.16 14.29
CA ASP C 197 10.00 27.13 13.90
C ASP C 197 10.23 27.54 12.45
N VAL C 198 9.71 26.76 11.51
CA VAL C 198 9.91 27.09 10.09
C VAL C 198 8.61 27.07 9.33
N TRP C 199 8.65 27.62 8.11
CA TRP C 199 7.48 27.64 7.26
C TRP C 199 7.41 26.42 6.29
N ILE C 200 6.53 25.49 6.66
CA ILE C 200 6.23 24.20 6.02
C ILE C 200 4.85 24.04 5.37
N VAL C 201 4.94 23.47 4.16
CA VAL C 201 3.80 23.22 3.26
C VAL C 201 3.82 21.77 2.76
N GLY C 202 2.66 21.25 2.44
CA GLY C 202 2.58 19.88 1.91
C GLY C 202 2.15 18.91 3.01
N CYS C 203 1.71 17.77 2.55
CA CYS C 203 1.19 16.69 3.40
C CYS C 203 0.05 17.24 4.26
N CYS C 204 -0.83 17.94 3.55
CA CYS C 204 -1.95 18.59 4.13
C CYS C 204 -1.59 19.96 4.67
N TYR C 205 -0.30 20.25 4.82
CA TYR C 205 0.11 21.56 5.30
C TYR C 205 -0.23 22.56 4.20
N ASP C 206 -0.93 23.61 4.59
CA ASP C 206 -1.39 24.65 3.69
C ASP C 206 -0.49 25.86 3.38
N PHE C 207 -0.99 26.67 2.45
CA PHE C 207 -0.42 27.92 1.92
C PHE C 207 -1.39 28.54 0.89
N ASN C 208 -2.63 28.76 1.32
CA ASN C 208 -3.74 29.30 0.51
C ASN C 208 -4.28 28.04 -0.19
N GLU C 209 -4.70 27.07 0.61
CA GLU C 209 -5.19 25.81 0.07
C GLU C 209 -4.17 25.19 -0.90
N MET C 210 -2.92 25.70 -0.81
CA MET C 210 -1.76 25.32 -1.62
C MET C 210 -0.90 24.21 -1.01
N PHE C 211 -0.42 23.33 -1.91
CA PHE C 211 0.46 22.17 -1.63
C PHE C 211 -0.06 21.04 -0.76
N ARG C 212 -1.36 21.04 -0.54
CA ARG C 212 -2.04 20.02 0.28
C ARG C 212 -1.83 18.59 -0.23
N ASP C 213 -2.02 18.41 -1.53
CA ASP C 213 -1.88 17.11 -2.24
C ASP C 213 -0.45 16.66 -2.44
N PHE C 214 0.51 17.53 -2.18
CA PHE C 214 1.91 17.15 -2.33
C PHE C 214 2.16 16.10 -1.29
N ASP C 215 2.94 15.10 -1.64
CA ASP C 215 3.19 14.06 -0.66
C ASP C 215 3.87 14.51 0.60
N HIS C 216 5.10 14.93 0.49
CA HIS C 216 5.82 15.36 1.67
C HIS C 216 5.54 16.72 2.24
N VAL C 217 6.29 17.03 3.30
CA VAL C 217 6.15 18.31 3.91
C VAL C 217 7.45 19.02 3.58
N ALA C 218 7.21 20.09 2.82
CA ALA C 218 8.24 20.98 2.29
C ALA C 218 8.44 22.32 2.99
N VAL C 219 9.66 22.83 2.94
CA VAL C 219 9.90 24.08 3.59
C VAL C 219 9.50 24.87 2.43
N LEU C 220 8.85 25.99 2.63
CA LEU C 220 8.49 26.76 1.43
C LEU C 220 9.53 27.74 0.93
N SER C 221 9.21 28.38 -0.18
CA SER C 221 10.12 29.34 -0.78
C SER C 221 9.43 30.70 -1.00
N ASP C 222 10.23 31.78 -1.01
CA ASP C 222 9.75 33.16 -1.22
C ASP C 222 9.08 33.01 -2.57
N ALA C 223 9.72 32.16 -3.36
CA ALA C 223 9.26 31.82 -4.67
C ALA C 223 7.79 31.41 -4.51
N ALA C 224 7.61 30.20 -3.95
CA ALA C 224 6.29 29.61 -3.68
C ALA C 224 5.35 30.64 -3.12
N ARG C 225 5.94 31.51 -2.28
CA ARG C 225 5.25 32.59 -1.60
C ARG C 225 4.66 33.55 -2.60
N LYS C 226 5.59 34.25 -3.27
CA LYS C 226 5.32 35.25 -4.29
C LYS C 226 4.12 34.90 -5.16
N LYS C 227 4.33 33.84 -5.93
CA LYS C 227 3.36 33.35 -6.86
C LYS C 227 1.94 33.10 -6.40
N PHE C 228 1.85 32.60 -5.19
CA PHE C 228 0.59 32.28 -4.66
C PHE C 228 -0.65 33.19 -4.36
N GLU C 229 -0.72 34.47 -4.81
CA GLU C 229 -1.87 35.43 -4.57
C GLU C 229 -2.33 36.12 -5.88
N LYS C 230 -2.56 37.42 -5.78
CA LYS C 230 -2.98 38.26 -6.92
C LYS C 230 -1.99 39.41 -7.08
N VAL C 231 -1.01 39.34 -6.19
CA VAL C 231 0.34 39.81 -6.43
C VAL C 231 0.50 41.12 -5.84
N ILE D 6 -25.24 22.76 -17.93
CA ILE D 6 -25.75 22.62 -16.57
C ILE D 6 -27.19 22.10 -16.38
N GLU D 7 -28.09 22.23 -17.32
CA GLU D 7 -29.47 21.71 -17.08
C GLU D 7 -29.41 20.20 -16.74
N ASP D 8 -28.46 19.49 -17.36
CA ASP D 8 -28.25 18.05 -17.10
C ASP D 8 -27.58 17.90 -15.74
N TYR D 9 -28.27 17.45 -14.76
CA TYR D 9 -27.66 17.29 -13.45
C TYR D 9 -28.54 16.40 -12.68
N GLY D 10 -27.99 15.34 -12.23
CA GLY D 10 -28.77 14.38 -11.52
C GLY D 10 -29.25 13.34 -12.56
N LYS D 11 -28.97 13.60 -13.85
CA LYS D 11 -29.37 12.72 -14.97
C LYS D 11 -28.39 11.71 -15.59
N GLY D 12 -27.10 11.96 -15.39
CA GLY D 12 -26.02 11.12 -15.91
C GLY D 12 -25.99 11.06 -17.42
N LYS D 13 -26.38 12.16 -18.07
CA LYS D 13 -26.41 12.21 -19.55
C LYS D 13 -25.66 11.26 -20.45
N GLY D 14 -24.34 11.15 -20.30
CA GLY D 14 -23.56 10.24 -21.15
C GLY D 14 -22.45 9.68 -20.27
N ARG D 15 -22.89 9.00 -19.22
CA ARG D 15 -21.91 8.46 -18.30
C ARG D 15 -21.53 7.14 -18.88
N ILE D 16 -20.55 6.48 -18.26
CA ILE D 16 -20.18 5.15 -18.67
C ILE D 16 -20.92 4.47 -17.55
N GLU D 17 -21.69 3.42 -17.90
CA GLU D 17 -22.49 2.66 -16.91
C GLU D 17 -21.62 1.96 -15.88
N PRO D 18 -22.08 2.00 -14.64
CA PRO D 18 -21.37 1.42 -13.47
C PRO D 18 -21.22 -0.04 -13.63
N MET D 19 -20.43 -0.69 -12.81
CA MET D 19 -20.27 -2.15 -12.98
C MET D 19 -21.50 -2.73 -12.38
N TYR D 20 -22.11 -3.68 -13.11
CA TYR D 20 -23.37 -4.36 -12.76
C TYR D 20 -23.16 -5.53 -11.79
N ILE D 21 -23.79 -5.48 -10.64
CA ILE D 21 -23.59 -6.56 -9.76
C ILE D 21 -24.93 -7.22 -9.65
N PRO D 22 -25.02 -8.47 -10.13
CA PRO D 22 -26.30 -9.21 -10.18
C PRO D 22 -27.00 -9.52 -8.89
N ASP D 23 -28.32 -9.62 -8.94
CA ASP D 23 -29.16 -9.88 -7.78
C ASP D 23 -28.62 -11.09 -7.11
N ASN D 24 -28.84 -11.16 -5.81
CA ASN D 24 -28.42 -12.31 -5.02
C ASN D 24 -27.00 -12.80 -5.20
N THR D 25 -26.09 -11.86 -5.44
CA THR D 25 -24.73 -12.32 -5.59
C THR D 25 -23.83 -11.81 -4.49
N PHE D 26 -23.23 -12.72 -3.76
CA PHE D 26 -22.40 -12.26 -2.67
C PHE D 26 -21.20 -13.14 -2.40
N TYR D 27 -20.51 -12.83 -1.30
CA TYR D 27 -19.34 -13.56 -0.85
C TYR D 27 -19.55 -13.88 0.59
N ASN D 28 -18.89 -14.95 1.06
CA ASN D 28 -19.00 -15.39 2.46
C ASN D 28 -17.92 -14.68 3.23
N ALA D 29 -18.26 -14.10 4.39
CA ALA D 29 -17.32 -13.35 5.23
C ALA D 29 -16.36 -14.31 5.90
N ASP D 30 -16.74 -15.56 5.78
CA ASP D 30 -15.97 -16.64 6.38
C ASP D 30 -14.65 -16.57 5.69
N ASP D 31 -14.74 -16.19 4.41
CA ASP D 31 -13.60 -16.13 3.52
C ASP D 31 -12.63 -14.95 3.71
N PHE D 32 -13.01 -14.06 4.62
CA PHE D 32 -12.14 -12.90 4.84
C PHE D 32 -11.78 -12.83 6.30
N LEU D 33 -10.93 -11.88 6.62
CA LEU D 33 -10.49 -11.63 8.01
C LEU D 33 -11.46 -10.54 8.41
N VAL D 34 -12.46 -10.91 9.20
CA VAL D 34 -13.42 -9.95 9.68
C VAL D 34 -12.86 -9.60 11.11
N PRO D 35 -12.81 -8.32 11.52
CA PRO D 35 -12.32 -7.93 12.85
C PRO D 35 -13.35 -8.39 13.91
N PRO D 36 -12.85 -8.94 14.99
CA PRO D 36 -13.66 -9.48 16.07
C PRO D 36 -14.95 -8.81 16.45
N HIS D 37 -14.99 -7.51 16.37
CA HIS D 37 -16.17 -6.79 16.77
C HIS D 37 -17.31 -6.76 15.78
N CYS D 38 -17.08 -6.92 14.48
CA CYS D 38 -18.29 -6.83 13.68
C CYS D 38 -18.49 -8.24 13.31
N LYS D 39 -17.49 -9.00 13.73
CA LYS D 39 -17.42 -10.41 13.46
C LYS D 39 -18.72 -11.15 13.40
N PRO D 40 -19.38 -11.13 14.55
CA PRO D 40 -20.65 -11.78 14.71
C PRO D 40 -21.84 -10.99 14.13
N TYR D 41 -21.62 -10.08 13.20
CA TYR D 41 -22.80 -9.37 12.72
C TYR D 41 -22.86 -9.44 11.21
N ILE D 42 -21.72 -9.69 10.59
CA ILE D 42 -21.73 -9.74 9.15
C ILE D 42 -21.65 -11.13 8.54
N ASP D 43 -22.75 -11.51 7.95
CA ASP D 43 -22.84 -12.81 7.40
C ASP D 43 -22.48 -12.80 5.97
N LYS D 44 -22.89 -11.77 5.23
CA LYS D 44 -22.60 -11.72 3.78
C LYS D 44 -21.86 -10.51 3.26
N ILE D 45 -20.80 -10.70 2.46
CA ILE D 45 -20.09 -9.56 1.87
C ILE D 45 -20.64 -9.33 0.47
N LEU D 46 -20.87 -8.09 0.06
CA LEU D 46 -21.42 -7.82 -1.27
C LEU D 46 -20.30 -7.28 -2.15
N LEU D 47 -19.58 -6.31 -1.62
CA LEU D 47 -18.46 -5.67 -2.29
C LEU D 47 -17.24 -5.84 -1.37
N PRO D 48 -16.25 -6.54 -1.82
CA PRO D 48 -15.08 -6.70 -0.98
C PRO D 48 -14.32 -5.38 -0.95
N GLY D 49 -13.56 -5.13 0.12
CA GLY D 49 -12.83 -3.86 0.19
C GLY D 49 -11.97 -3.68 -1.04
N GLY D 50 -11.18 -4.73 -1.42
CA GLY D 50 -10.31 -4.71 -2.63
C GLY D 50 -11.00 -4.41 -3.99
N LEU D 51 -12.23 -4.95 -4.20
CA LEU D 51 -13.05 -4.77 -5.44
C LEU D 51 -13.33 -3.26 -5.57
N VAL D 52 -13.82 -2.70 -4.44
CA VAL D 52 -14.09 -1.27 -4.28
C VAL D 52 -12.82 -0.46 -4.70
N LYS D 53 -11.72 -0.78 -4.09
CA LYS D 53 -10.54 -0.03 -4.49
C LYS D 53 -10.19 -0.15 -5.98
N ASP D 54 -10.31 -1.35 -6.57
CA ASP D 54 -9.97 -1.54 -8.02
C ASP D 54 -10.91 -0.74 -8.94
N ARG D 55 -12.17 -0.84 -8.59
CA ARG D 55 -13.19 -0.15 -9.32
C ARG D 55 -12.88 1.36 -9.16
N VAL D 56 -12.72 1.81 -7.92
CA VAL D 56 -12.46 3.23 -7.68
C VAL D 56 -11.22 3.67 -8.39
N GLU D 57 -10.28 2.79 -8.57
CA GLU D 57 -9.12 3.23 -9.29
C GLU D 57 -9.56 3.60 -10.69
N LYS D 58 -10.35 2.76 -11.35
CA LYS D 58 -10.77 3.14 -12.71
C LYS D 58 -11.51 4.53 -12.77
N LEU D 59 -12.35 4.75 -11.78
CA LEU D 59 -13.18 5.91 -11.62
C LEU D 59 -12.42 7.16 -11.60
N ALA D 60 -11.30 7.05 -10.96
CA ALA D 60 -10.45 8.17 -10.79
C ALA D 60 -9.94 8.48 -12.16
N TYR D 61 -9.47 7.41 -12.80
CA TYR D 61 -8.96 7.53 -14.16
C TYR D 61 -9.97 8.19 -15.14
N ASP D 62 -11.23 7.80 -14.97
CA ASP D 62 -12.27 8.32 -15.81
C ASP D 62 -12.24 9.83 -15.65
N ILE D 63 -12.36 10.19 -14.36
CA ILE D 63 -12.40 11.59 -13.89
C ILE D 63 -11.13 12.37 -14.30
N HIS D 64 -9.98 11.75 -14.12
CA HIS D 64 -8.66 12.37 -14.45
C HIS D 64 -8.56 12.71 -15.94
N ARG D 65 -8.89 11.76 -16.77
CA ARG D 65 -8.83 11.99 -18.21
C ARG D 65 -9.85 13.08 -18.54
N THR D 66 -10.90 13.15 -17.73
CA THR D 66 -12.01 14.13 -17.93
C THR D 66 -11.75 15.63 -17.72
N TYR D 67 -11.14 16.01 -16.58
CA TYR D 67 -10.87 17.38 -16.27
C TYR D 67 -9.42 17.60 -16.36
N PHE D 68 -8.74 16.79 -17.17
CA PHE D 68 -7.31 17.03 -17.26
C PHE D 68 -6.87 18.39 -17.83
N GLY D 69 -5.94 19.00 -17.10
CA GLY D 69 -5.36 20.31 -17.42
C GLY D 69 -6.34 21.41 -16.97
N GLU D 70 -7.22 21.04 -16.06
CA GLU D 70 -8.20 21.98 -15.62
C GLU D 70 -8.49 21.85 -14.16
N GLU D 71 -8.75 22.97 -13.51
CA GLU D 71 -9.05 23.06 -12.10
C GLU D 71 -10.32 22.33 -11.81
N LEU D 72 -10.25 21.41 -10.85
CA LEU D 72 -11.39 20.59 -10.47
C LEU D 72 -11.65 20.85 -8.98
N HIS D 73 -12.89 21.17 -8.63
CA HIS D 73 -13.24 21.42 -7.27
C HIS D 73 -14.16 20.28 -6.81
N ILE D 74 -13.59 19.43 -5.96
CA ILE D 74 -14.29 18.28 -5.43
C ILE D 74 -14.94 18.59 -4.05
N ILE D 75 -16.14 18.13 -3.77
CA ILE D 75 -16.75 18.43 -2.49
C ILE D 75 -17.18 17.15 -1.85
N CYS D 76 -16.78 17.04 -0.60
CA CYS D 76 -17.11 15.93 0.27
C CYS D 76 -18.37 16.27 1.09
N ILE D 77 -19.47 15.56 0.80
CA ILE D 77 -20.69 15.74 1.61
C ILE D 77 -20.31 15.06 2.90
N LEU D 78 -19.92 15.82 3.89
CA LEU D 78 -19.40 15.15 5.05
C LEU D 78 -20.39 14.27 5.83
N LYS D 79 -19.67 13.27 6.36
CA LYS D 79 -20.08 12.14 7.15
C LYS D 79 -19.71 10.87 6.38
N GLY D 80 -20.65 10.48 5.53
CA GLY D 80 -20.61 9.28 4.69
C GLY D 80 -19.65 9.25 3.52
N SER D 81 -19.47 10.36 2.81
CA SER D 81 -18.54 10.38 1.64
C SER D 81 -17.02 10.20 2.01
N ARG D 82 -16.75 10.22 3.30
CA ARG D 82 -15.44 10.07 3.85
C ARG D 82 -14.58 8.97 3.28
N GLY D 83 -15.07 7.79 2.96
CA GLY D 83 -14.19 6.73 2.42
C GLY D 83 -13.80 6.82 0.94
N PHE D 84 -14.84 6.90 0.14
CA PHE D 84 -14.76 7.00 -1.31
C PHE D 84 -13.92 8.21 -1.75
N PHE D 85 -14.40 9.38 -1.33
CA PHE D 85 -13.77 10.64 -1.66
C PHE D 85 -12.29 10.59 -1.42
N ASN D 86 -11.92 9.95 -0.30
CA ASN D 86 -10.57 9.74 0.23
C ASN D 86 -9.72 8.82 -0.67
N LEU D 87 -10.33 7.70 -1.07
CA LEU D 87 -9.76 6.72 -2.02
C LEU D 87 -9.48 7.58 -3.31
N LEU D 88 -10.57 8.16 -3.84
CA LEU D 88 -10.61 9.02 -4.99
C LEU D 88 -9.47 9.97 -5.00
N ILE D 89 -9.46 10.91 -4.06
CA ILE D 89 -8.32 11.83 -4.05
C ILE D 89 -6.94 11.14 -4.01
N ASP D 90 -6.82 10.01 -3.33
CA ASP D 90 -5.52 9.35 -3.33
C ASP D 90 -5.18 8.97 -4.82
N TYR D 91 -6.07 8.24 -5.43
CA TYR D 91 -5.79 7.90 -6.82
C TYR D 91 -5.50 9.07 -7.81
N LEU D 92 -6.28 10.18 -7.80
CA LEU D 92 -6.00 11.33 -8.76
C LEU D 92 -4.64 11.92 -8.62
N ALA D 93 -4.34 12.05 -7.34
CA ALA D 93 -3.06 12.58 -6.94
C ALA D 93 -2.06 11.65 -7.55
N THR D 94 -2.11 10.37 -7.26
CA THR D 94 -1.07 9.60 -7.86
C THR D 94 -1.05 9.49 -9.31
N ILE D 95 -2.25 9.50 -9.84
CA ILE D 95 -2.32 9.40 -11.30
C ILE D 95 -1.69 10.54 -12.00
N GLN D 96 -2.02 11.72 -11.52
CA GLN D 96 -1.42 12.83 -12.18
C GLN D 96 0.08 12.81 -11.98
N LYS D 97 0.56 12.22 -10.91
CA LYS D 97 1.99 12.25 -10.65
C LYS D 97 2.82 11.36 -11.54
N TYR D 98 2.21 10.29 -11.95
CA TYR D 98 2.90 9.37 -12.84
C TYR D 98 2.54 9.83 -14.23
N SER D 99 1.44 10.57 -14.44
CA SER D 99 1.14 11.01 -15.81
C SER D 99 2.24 11.48 -16.83
N GLY D 100 3.26 12.26 -16.43
CA GLY D 100 4.28 12.70 -17.41
C GLY D 100 3.79 13.73 -18.50
N ARG D 101 2.49 14.04 -18.44
CA ARG D 101 1.85 14.98 -19.32
C ARG D 101 1.95 16.14 -18.37
N GLU D 102 2.48 17.26 -18.81
CA GLU D 102 2.60 18.37 -17.88
C GLU D 102 1.26 19.06 -17.66
N SER D 103 1.13 19.65 -16.48
CA SER D 103 -0.07 20.39 -16.10
C SER D 103 0.36 21.34 -15.00
N SER D 104 0.16 22.63 -15.14
CA SER D 104 0.62 23.38 -14.01
C SER D 104 -0.41 23.65 -12.91
N VAL D 105 -1.29 22.67 -12.72
CA VAL D 105 -2.31 22.82 -11.73
C VAL D 105 -2.51 21.57 -10.90
N PRO D 106 -2.91 21.74 -9.64
CA PRO D 106 -3.17 20.63 -8.71
C PRO D 106 -4.26 19.73 -9.26
N PRO D 107 -4.17 18.42 -8.98
CA PRO D 107 -5.17 17.46 -9.45
C PRO D 107 -6.59 17.84 -8.98
N PHE D 108 -6.71 18.54 -7.86
CA PHE D 108 -8.06 18.88 -7.42
C PHE D 108 -7.95 19.85 -6.26
N PHE D 109 -9.11 20.33 -5.78
CA PHE D 109 -9.29 21.26 -4.64
C PHE D 109 -10.34 20.73 -3.70
N GLU D 110 -9.97 20.38 -2.50
CA GLU D 110 -10.95 19.91 -1.56
C GLU D 110 -11.82 21.06 -0.98
N HIS D 111 -13.00 20.63 -0.55
CA HIS D 111 -13.97 21.53 0.06
C HIS D 111 -14.86 20.56 0.89
N TYR D 112 -15.32 21.03 2.05
CA TYR D 112 -16.16 20.22 2.92
C TYR D 112 -17.49 20.84 3.19
N VAL D 113 -18.48 20.00 3.40
CA VAL D 113 -19.83 20.45 3.71
C VAL D 113 -20.56 19.46 4.64
N ARG D 114 -21.57 19.96 5.34
CA ARG D 114 -22.37 19.16 6.27
C ARG D 114 -23.85 19.25 5.88
N LEU D 115 -24.61 18.33 6.46
CA LEU D 115 -26.04 18.23 6.24
C LEU D 115 -26.84 19.06 7.24
N LEU D 127 -33.09 16.44 5.07
CA LEU D 127 -31.76 16.96 5.35
C LEU D 127 -31.27 17.80 4.18
N THR D 128 -30.79 19.00 4.46
CA THR D 128 -30.34 19.91 3.44
C THR D 128 -28.86 20.05 3.57
N VAL D 129 -28.10 20.42 2.52
CA VAL D 129 -26.63 20.58 2.69
C VAL D 129 -26.36 22.06 3.11
N LEU D 130 -25.38 22.09 4.02
CA LEU D 130 -24.82 23.25 4.75
C LEU D 130 -23.38 23.53 4.26
N SER D 131 -23.20 24.68 3.65
CA SER D 131 -21.89 25.09 3.11
C SER D 131 -21.60 26.55 3.36
N ASP D 132 -20.33 26.91 3.22
CA ASP D 132 -19.92 28.31 3.39
C ASP D 132 -20.44 29.14 2.19
N ASP D 133 -19.64 30.07 1.67
CA ASP D 133 -20.03 30.87 0.51
C ASP D 133 -19.75 30.04 -0.79
N LEU D 134 -20.74 29.95 -1.67
CA LEU D 134 -20.57 29.17 -2.87
C LEU D 134 -20.07 30.01 -3.98
N SER D 135 -19.85 31.29 -3.69
CA SER D 135 -19.37 32.19 -4.71
C SER D 135 -18.06 31.73 -5.26
N ILE D 136 -17.42 30.81 -4.55
CA ILE D 136 -16.12 30.27 -4.97
C ILE D 136 -16.18 29.42 -6.23
N PHE D 137 -17.35 28.90 -6.52
CA PHE D 137 -17.44 28.03 -7.67
C PHE D 137 -17.85 28.66 -8.99
N ARG D 138 -18.08 29.97 -9.00
CA ARG D 138 -18.54 30.67 -10.19
C ARG D 138 -17.60 30.29 -11.31
N ASP D 139 -18.14 29.91 -12.47
CA ASP D 139 -17.22 29.51 -13.54
C ASP D 139 -16.15 28.43 -13.22
N LYS D 140 -16.52 27.39 -12.48
CA LYS D 140 -15.60 26.31 -12.14
C LYS D 140 -16.14 24.91 -12.37
N HIS D 141 -15.25 23.92 -12.18
CA HIS D 141 -15.63 22.50 -12.36
C HIS D 141 -16.06 21.98 -11.05
N VAL D 142 -17.32 21.55 -11.00
CA VAL D 142 -17.79 21.09 -9.74
C VAL D 142 -18.15 19.65 -9.66
N LEU D 143 -17.35 18.94 -8.85
CA LEU D 143 -17.55 17.56 -8.62
C LEU D 143 -17.95 17.35 -7.21
N ILE D 144 -19.21 16.98 -7.02
CA ILE D 144 -19.73 16.69 -5.70
C ILE D 144 -19.65 15.16 -5.52
N VAL D 145 -19.14 14.67 -4.40
CA VAL D 145 -19.09 13.19 -4.23
C VAL D 145 -19.90 12.68 -3.07
N GLU D 146 -20.47 11.49 -3.25
CA GLU D 146 -21.29 10.87 -2.21
C GLU D 146 -21.07 9.38 -2.22
N ASP D 147 -21.54 8.76 -1.17
CA ASP D 147 -21.45 7.34 -1.00
C ASP D 147 -22.63 6.81 -1.77
N ILE D 148 -23.69 7.60 -1.81
CA ILE D 148 -24.85 7.12 -2.49
C ILE D 148 -25.96 8.15 -2.35
N VAL D 149 -26.78 8.25 -3.36
CA VAL D 149 -27.91 9.16 -3.31
C VAL D 149 -29.18 8.32 -3.27
N ASP D 150 -29.65 8.16 -2.04
CA ASP D 150 -30.85 7.38 -1.72
C ASP D 150 -32.12 8.24 -1.86
N THR D 151 -31.91 9.55 -2.06
CA THR D 151 -33.04 10.51 -2.24
C THR D 151 -32.69 11.53 -3.35
N GLY D 152 -31.68 12.35 -3.08
CA GLY D 152 -31.22 13.38 -4.04
C GLY D 152 -32.12 14.63 -3.98
N PHE D 153 -32.90 14.76 -2.92
CA PHE D 153 -33.71 15.94 -2.82
C PHE D 153 -32.62 16.89 -2.28
N THR D 154 -31.85 16.40 -1.31
CA THR D 154 -30.82 17.22 -0.76
C THR D 154 -29.80 17.54 -1.83
N LEU D 155 -29.52 16.63 -2.68
CA LEU D 155 -28.58 16.91 -3.75
C LEU D 155 -29.22 17.93 -4.72
N THR D 156 -30.52 17.81 -4.92
CA THR D 156 -31.20 18.73 -5.85
C THR D 156 -31.25 20.13 -5.24
N GLU D 157 -31.64 20.20 -3.99
CA GLU D 157 -31.73 21.50 -3.28
C GLU D 157 -30.31 22.21 -3.28
N PHE D 158 -29.27 21.47 -2.92
CA PHE D 158 -27.94 22.06 -2.92
C PHE D 158 -27.57 22.39 -4.36
N GLY D 159 -27.82 21.46 -5.28
CA GLY D 159 -27.51 21.71 -6.70
C GLY D 159 -28.12 23.05 -7.16
N GLU D 160 -29.30 23.37 -6.64
CA GLU D 160 -29.97 24.61 -6.99
C GLU D 160 -29.09 25.81 -6.73
N ARG D 161 -28.64 25.88 -5.48
CA ARG D 161 -27.82 26.98 -4.99
C ARG D 161 -26.49 27.08 -5.73
N LEU D 162 -26.04 25.92 -6.15
CA LEU D 162 -24.79 25.77 -6.85
C LEU D 162 -24.99 26.44 -8.22
N LYS D 163 -26.13 26.16 -8.85
CA LYS D 163 -26.45 26.75 -10.18
C LYS D 163 -26.29 28.27 -10.26
N ALA D 164 -26.98 28.95 -9.34
CA ALA D 164 -26.95 30.40 -9.25
C ALA D 164 -25.59 31.11 -9.39
N VAL D 165 -24.49 30.46 -8.96
CA VAL D 165 -23.18 31.11 -9.06
C VAL D 165 -22.53 30.86 -10.40
N GLY D 166 -23.25 30.22 -11.30
CA GLY D 166 -22.65 30.00 -12.62
C GLY D 166 -21.31 29.24 -12.80
N PRO D 167 -21.19 28.15 -12.07
CA PRO D 167 -20.03 27.29 -12.16
C PRO D 167 -19.96 26.72 -13.64
N LYS D 168 -18.76 26.33 -14.09
CA LYS D 168 -18.44 25.82 -15.41
C LYS D 168 -19.06 24.47 -15.66
N SER D 169 -19.06 23.60 -14.67
CA SER D 169 -19.68 22.31 -14.88
C SER D 169 -19.97 21.86 -13.48
N MET D 170 -20.83 20.84 -13.38
CA MET D 170 -21.30 20.25 -12.13
C MET D 170 -21.64 18.75 -12.40
N ARG D 171 -20.90 17.85 -11.78
CA ARG D 171 -21.18 16.45 -11.98
C ARG D 171 -21.21 15.79 -10.63
N ILE D 172 -21.60 14.54 -10.69
CA ILE D 172 -21.68 13.78 -9.50
C ILE D 172 -21.06 12.45 -9.68
N ALA D 173 -20.28 12.15 -8.67
CA ALA D 173 -19.53 10.92 -8.50
C ALA D 173 -20.28 10.15 -7.39
N THR D 174 -20.63 8.90 -7.63
CA THR D 174 -21.27 8.19 -6.52
C THR D 174 -20.72 6.78 -6.37
N LEU D 175 -20.45 6.34 -5.15
CA LEU D 175 -19.87 4.97 -5.09
C LEU D 175 -20.77 3.87 -5.60
N VAL D 176 -21.97 3.95 -5.03
CA VAL D 176 -23.02 2.97 -5.30
C VAL D 176 -24.33 3.55 -5.81
N GLU D 177 -25.10 2.72 -6.47
CA GLU D 177 -26.36 3.12 -7.04
C GLU D 177 -27.26 1.86 -6.96
N LYS D 178 -28.36 1.99 -6.23
CA LYS D 178 -29.29 0.91 -6.00
C LYS D 178 -30.37 0.80 -7.03
N ARG D 179 -30.50 -0.31 -7.71
CA ARG D 179 -31.61 -0.28 -8.64
C ARG D 179 -32.82 -0.42 -7.76
N THR D 180 -33.51 0.67 -7.50
CA THR D 180 -34.72 0.57 -6.68
C THR D 180 -35.91 0.88 -7.60
N ASP D 181 -36.93 1.47 -6.99
CA ASP D 181 -38.18 1.94 -7.61
C ASP D 181 -38.92 2.91 -6.63
N ARG D 182 -38.19 3.35 -5.61
CA ARG D 182 -38.71 4.27 -4.60
C ARG D 182 -37.69 5.40 -4.34
N SER D 183 -37.93 6.57 -4.94
CA SER D 183 -37.05 7.74 -4.80
C SER D 183 -37.49 9.01 -5.60
N ASN D 184 -36.46 9.73 -6.05
CA ASN D 184 -36.53 10.97 -6.85
C ASN D 184 -35.62 10.71 -8.07
N SER D 185 -35.11 9.48 -8.14
CA SER D 185 -34.26 8.98 -9.22
C SER D 185 -33.17 9.89 -9.80
N LEU D 186 -32.28 10.38 -8.94
CA LEU D 186 -31.17 11.22 -9.39
C LEU D 186 -30.01 10.23 -9.65
N LYS D 187 -29.19 10.50 -10.63
CA LYS D 187 -28.03 9.63 -10.94
C LYS D 187 -26.77 10.46 -11.19
N GLY D 188 -25.68 9.82 -10.78
CA GLY D 188 -24.33 10.36 -10.89
C GLY D 188 -23.83 10.22 -12.35
N ASP D 189 -22.67 10.81 -12.61
CA ASP D 189 -22.05 10.76 -13.91
C ASP D 189 -20.84 9.88 -13.87
N PHE D 190 -20.50 9.45 -12.66
CA PHE D 190 -19.37 8.59 -12.33
C PHE D 190 -19.80 7.66 -11.18
N VAL D 191 -20.28 6.44 -11.52
CA VAL D 191 -20.74 5.43 -10.55
C VAL D 191 -19.86 4.17 -10.46
N GLY D 192 -19.57 3.76 -9.22
CA GLY D 192 -18.70 2.62 -9.00
C GLY D 192 -19.55 1.41 -9.32
N PHE D 193 -20.57 1.20 -8.51
CA PHE D 193 -21.44 0.08 -8.70
C PHE D 193 -22.98 0.21 -8.79
N SER D 194 -23.57 -0.76 -9.47
CA SER D 194 -25.01 -0.77 -9.57
C SER D 194 -25.48 -2.02 -8.83
N ILE D 195 -26.19 -1.83 -7.73
CA ILE D 195 -26.67 -2.88 -6.87
C ILE D 195 -28.20 -3.09 -6.53
N GLU D 196 -28.46 -4.30 -6.07
CA GLU D 196 -29.76 -4.80 -5.65
C GLU D 196 -30.06 -3.85 -4.53
N ASP D 197 -31.30 -3.45 -4.40
CA ASP D 197 -31.52 -2.56 -3.33
C ASP D 197 -31.56 -3.46 -2.07
N VAL D 198 -30.51 -3.51 -1.31
CA VAL D 198 -30.48 -4.32 -0.13
C VAL D 198 -29.88 -3.36 0.95
N TRP D 199 -29.76 -3.76 2.22
CA TRP D 199 -29.18 -2.84 3.21
C TRP D 199 -27.70 -3.06 3.39
N ILE D 200 -26.91 -2.01 3.27
CA ILE D 200 -25.47 -2.22 3.36
C ILE D 200 -24.77 -1.43 4.41
N VAL D 201 -23.86 -2.08 5.11
CA VAL D 201 -23.07 -1.45 6.15
C VAL D 201 -21.63 -1.63 5.69
N GLY D 202 -20.72 -0.98 6.39
CA GLY D 202 -19.32 -1.07 6.06
C GLY D 202 -18.88 -0.14 4.96
N CYS D 203 -17.56 0.03 4.92
CA CYS D 203 -17.00 0.89 3.89
C CYS D 203 -17.66 2.26 3.99
N CYS D 204 -17.64 2.72 5.25
CA CYS D 204 -18.18 4.00 5.59
C CYS D 204 -19.66 4.03 5.62
N TYR D 205 -20.32 2.97 5.14
CA TYR D 205 -21.80 2.92 5.17
C TYR D 205 -21.99 2.52 6.61
N ASP D 206 -23.10 2.87 7.25
CA ASP D 206 -23.27 2.52 8.67
C ASP D 206 -24.68 2.19 9.14
N PHE D 207 -24.79 1.55 10.30
CA PHE D 207 -26.11 1.22 10.80
C PHE D 207 -26.61 2.39 11.67
N ASN D 208 -26.08 2.43 12.88
CA ASN D 208 -26.47 3.50 13.78
C ASN D 208 -25.09 3.93 14.18
N GLU D 209 -24.46 4.59 13.22
CA GLU D 209 -23.14 5.06 13.40
C GLU D 209 -22.12 3.93 13.47
N MET D 210 -22.59 2.69 13.26
CA MET D 210 -21.72 1.50 13.28
C MET D 210 -21.32 0.85 11.94
N PHE D 211 -20.13 0.23 11.92
CA PHE D 211 -19.54 -0.47 10.76
C PHE D 211 -18.74 0.38 9.77
N ARG D 212 -18.64 1.68 10.03
CA ARG D 212 -17.91 2.51 9.11
C ARG D 212 -16.46 2.01 8.91
N ASP D 213 -15.84 1.61 9.99
CA ASP D 213 -14.47 1.12 9.94
C ASP D 213 -14.35 -0.32 9.37
N PHE D 214 -15.40 -1.04 9.05
CA PHE D 214 -15.18 -2.36 8.46
C PHE D 214 -14.70 -2.12 7.01
N ASP D 215 -13.81 -2.95 6.46
CA ASP D 215 -13.33 -2.73 5.09
C ASP D 215 -14.22 -3.14 3.99
N HIS D 216 -15.15 -4.03 4.25
CA HIS D 216 -16.00 -4.46 3.14
C HIS D 216 -17.39 -3.94 3.12
N VAL D 217 -17.93 -3.56 1.98
CA VAL D 217 -19.30 -3.08 1.92
C VAL D 217 -20.06 -4.35 2.17
N ALA D 218 -20.57 -4.57 3.39
CA ALA D 218 -21.37 -5.77 3.76
C ALA D 218 -22.91 -5.57 3.74
N VAL D 219 -23.68 -6.66 3.79
CA VAL D 219 -25.16 -6.68 3.77
C VAL D 219 -25.50 -6.79 5.25
N LEU D 220 -26.41 -5.94 5.75
CA LEU D 220 -26.83 -5.92 7.18
C LEU D 220 -27.74 -7.01 7.72
N SER D 221 -27.18 -7.73 8.69
CA SER D 221 -27.76 -8.85 9.44
C SER D 221 -29.02 -8.47 10.23
N ASP D 222 -29.90 -9.47 10.43
CA ASP D 222 -31.14 -9.28 11.18
C ASP D 222 -30.65 -9.12 12.61
N ALA D 223 -29.47 -9.72 12.87
CA ALA D 223 -28.82 -9.69 14.17
C ALA D 223 -28.18 -8.34 14.40
N ALA D 224 -27.41 -7.84 13.45
CA ALA D 224 -26.80 -6.51 13.60
C ALA D 224 -27.90 -5.48 13.96
N ARG D 225 -28.98 -5.60 13.21
CA ARG D 225 -30.14 -4.78 13.33
C ARG D 225 -30.82 -4.76 14.70
N LYS D 226 -30.76 -5.87 15.44
CA LYS D 226 -31.43 -5.98 16.73
C LYS D 226 -30.61 -5.26 17.75
N LYS D 227 -29.42 -5.81 17.91
CA LYS D 227 -28.47 -5.26 18.82
C LYS D 227 -28.36 -3.81 18.58
N PHE D 228 -28.35 -3.46 17.32
CA PHE D 228 -28.18 -2.08 17.02
C PHE D 228 -29.50 -1.41 16.83
N GLU D 229 -30.53 -1.99 17.45
CA GLU D 229 -31.76 -1.27 17.46
C GLU D 229 -32.03 -0.85 18.88
N LYS D 230 -32.20 -1.83 19.78
CA LYS D 230 -32.42 -1.49 21.19
C LYS D 230 -32.61 -2.54 22.28
N VAL D 231 -32.11 -2.13 23.45
CA VAL D 231 -32.13 -2.80 24.76
C VAL D 231 -31.49 -1.93 25.91
#